data_5NBB
#
_entry.id   5NBB
#
_entity_poly.entity_id   1
_entity_poly.type   'polypeptide(L)'
_entity_poly.pdbx_seq_one_letter_code
;VSDISALTVGQALKVKAGQNAMDATVLEITKDGVRVQLNSGMSLIVRAEHLVF
;
_entity_poly.pdbx_strand_id   A
#
# COMPACT_ATOMS: atom_id res chain seq x y z
N VAL A 1 -15.79 -2.96 0.56
CA VAL A 1 -16.34 -4.34 0.56
C VAL A 1 -15.69 -5.16 -0.55
N SER A 2 -15.16 -6.33 -0.16
CA SER A 2 -14.44 -7.20 -1.08
C SER A 2 -13.17 -6.50 -1.57
N ASP A 3 -12.77 -5.49 -0.82
CA ASP A 3 -11.64 -4.64 -1.13
C ASP A 3 -11.93 -3.77 -2.35
N ILE A 4 -11.37 -2.58 -2.36
CA ILE A 4 -11.64 -1.64 -3.42
C ILE A 4 -11.06 -2.16 -4.73
N SER A 5 -9.75 -2.22 -4.80
CA SER A 5 -9.08 -2.69 -5.96
C SER A 5 -8.47 -4.06 -5.74
N ALA A 6 -7.43 -4.11 -4.97
CA ALA A 6 -6.76 -5.34 -4.64
C ALA A 6 -6.73 -5.44 -3.13
N LEU A 7 -7.30 -4.41 -2.54
CA LEU A 7 -7.26 -4.17 -1.13
C LEU A 7 -8.20 -3.04 -0.77
N THR A 8 -8.25 -2.70 0.48
CA THR A 8 -9.07 -1.61 0.97
C THR A 8 -8.25 -0.55 1.70
N VAL A 9 -8.92 0.53 2.01
CA VAL A 9 -8.37 1.64 2.73
C VAL A 9 -8.40 1.32 4.21
N GLY A 10 -7.29 1.59 4.82
CA GLY A 10 -7.08 1.15 6.18
C GLY A 10 -6.78 -0.33 6.22
N GLN A 11 -6.38 -0.88 5.06
CA GLN A 11 -6.04 -2.30 4.99
C GLN A 11 -4.71 -2.53 5.66
N ALA A 12 -3.74 -1.73 5.23
CA ALA A 12 -2.38 -1.75 5.75
C ALA A 12 -1.60 -2.95 5.25
N LEU A 13 -0.45 -2.65 4.66
CA LEU A 13 0.37 -3.62 3.99
C LEU A 13 1.83 -3.14 3.88
N LYS A 14 2.52 -3.55 2.82
CA LYS A 14 3.93 -3.26 2.67
C LYS A 14 4.17 -2.35 1.50
N VAL A 15 5.17 -1.52 1.66
CA VAL A 15 5.58 -0.59 0.63
C VAL A 15 6.97 -0.96 0.15
N LYS A 16 7.70 -1.43 1.11
CA LYS A 16 9.10 -1.73 1.01
C LYS A 16 9.88 -0.49 0.67
N ALA A 17 10.45 0.08 1.71
CA ALA A 17 11.14 1.35 1.61
C ALA A 17 12.65 1.15 1.74
N GLY A 18 13.30 0.93 0.61
CA GLY A 18 14.72 0.73 0.60
C GLY A 18 15.08 -0.74 0.66
N GLN A 19 14.54 -1.51 -0.29
CA GLN A 19 14.83 -2.95 -0.42
C GLN A 19 14.15 -3.79 0.67
N ASN A 20 13.92 -3.20 1.82
CA ASN A 20 13.31 -3.90 2.93
C ASN A 20 11.87 -3.45 3.10
N ALA A 21 11.03 -4.30 3.66
CA ALA A 21 9.67 -3.91 3.96
C ALA A 21 9.69 -2.92 5.09
N MET A 22 8.55 -2.35 5.32
CA MET A 22 8.45 -1.16 6.15
C MET A 22 7.15 -1.16 6.91
N ASP A 23 6.12 -1.22 6.09
CA ASP A 23 4.71 -1.26 6.49
C ASP A 23 4.09 0.06 6.13
N ALA A 24 2.91 0.02 5.57
CA ALA A 24 2.24 1.22 5.20
C ALA A 24 0.74 1.03 5.23
N THR A 25 0.02 2.09 5.54
CA THR A 25 -1.39 1.95 5.82
C THR A 25 -2.24 2.65 4.77
N VAL A 26 -3.18 1.93 4.20
CA VAL A 26 -3.90 2.43 3.06
C VAL A 26 -4.75 3.66 3.38
N LEU A 27 -4.49 4.76 2.68
CA LEU A 27 -5.28 5.99 2.81
C LEU A 27 -6.22 6.13 1.62
N GLU A 28 -5.71 5.71 0.48
CA GLU A 28 -6.42 5.75 -0.76
C GLU A 28 -5.88 4.61 -1.57
N ILE A 29 -6.63 4.19 -2.52
CA ILE A 29 -6.22 3.08 -3.35
C ILE A 29 -6.19 3.45 -4.82
N THR A 30 -5.39 2.72 -5.58
CA THR A 30 -5.22 3.04 -6.98
C THR A 30 -5.90 1.99 -7.85
N LYS A 31 -5.51 1.93 -9.12
CA LYS A 31 -6.05 0.96 -10.05
C LYS A 31 -5.99 -0.43 -9.47
N ASP A 32 -4.92 -0.71 -8.76
CA ASP A 32 -4.68 -2.04 -8.23
C ASP A 32 -3.66 -1.95 -7.11
N GLY A 33 -2.91 -0.86 -7.11
CA GLY A 33 -2.01 -0.58 -6.03
C GLY A 33 -2.71 0.29 -5.06
N VAL A 34 -1.97 1.07 -4.33
CA VAL A 34 -2.56 1.89 -3.35
C VAL A 34 -1.83 3.21 -3.22
N ARG A 35 -2.31 4.01 -2.32
CA ARG A 35 -1.57 5.14 -1.81
C ARG A 35 -1.64 5.05 -0.30
N VAL A 36 -0.73 4.32 0.25
CA VAL A 36 -0.73 4.04 1.67
C VAL A 36 0.01 5.10 2.45
N GLN A 37 0.02 4.93 3.75
CA GLN A 37 0.78 5.76 4.63
C GLN A 37 2.00 5.00 5.10
N LEU A 38 3.16 5.44 4.66
CA LEU A 38 4.38 4.72 4.96
C LEU A 38 4.76 4.83 6.41
N ASN A 39 5.21 3.71 6.93
CA ASN A 39 5.65 3.60 8.32
C ASN A 39 6.98 4.33 8.47
N SER A 40 7.61 4.60 7.33
CA SER A 40 8.73 5.52 7.26
C SER A 40 8.24 6.93 7.52
N GLY A 41 6.96 7.15 7.24
CA GLY A 41 6.37 8.44 7.44
C GLY A 41 6.04 9.12 6.14
N MET A 42 5.81 8.34 5.08
CA MET A 42 5.45 8.90 3.81
C MET A 42 4.03 8.44 3.47
N SER A 43 3.64 8.56 2.23
CA SER A 43 2.36 8.09 1.74
C SER A 43 2.44 7.95 0.24
N LEU A 44 2.10 6.78 -0.26
CA LEU A 44 2.38 6.46 -1.68
C LEU A 44 2.00 5.03 -2.10
N ILE A 45 2.37 4.08 -1.27
CA ILE A 45 2.61 2.69 -1.66
C ILE A 45 3.23 2.55 -3.08
N VAL A 46 2.42 2.28 -4.10
CA VAL A 46 2.94 1.72 -5.36
C VAL A 46 1.80 1.07 -6.14
N ARG A 47 2.15 0.17 -7.03
CA ARG A 47 1.19 -0.54 -7.86
C ARG A 47 1.08 -1.96 -7.33
N ALA A 48 -0.01 -2.61 -7.71
CA ALA A 48 -0.43 -3.88 -7.09
C ALA A 48 0.64 -4.95 -7.13
N GLU A 49 1.57 -4.79 -8.03
CA GLU A 49 2.58 -5.80 -8.28
C GLU A 49 3.79 -5.54 -7.44
N HIS A 50 3.57 -4.76 -6.43
CA HIS A 50 4.60 -4.36 -5.53
C HIS A 50 4.13 -4.44 -4.08
N LEU A 51 2.82 -4.44 -3.87
CA LEU A 51 2.25 -4.60 -2.57
C LEU A 51 2.22 -6.07 -2.18
N VAL A 52 2.52 -6.35 -0.92
CA VAL A 52 2.32 -7.68 -0.38
C VAL A 52 1.41 -7.65 0.85
N PHE A 53 0.14 -7.35 0.60
CA PHE A 53 -0.89 -7.41 1.60
C PHE A 53 -1.06 -8.83 2.13
N VAL A 1 -14.81 -6.23 4.08
CA VAL A 1 -14.19 -5.53 2.94
C VAL A 1 -14.07 -6.45 1.74
N SER A 2 -14.61 -6.03 0.62
CA SER A 2 -14.48 -6.74 -0.63
C SER A 2 -13.39 -6.08 -1.47
N ASP A 3 -12.62 -5.23 -0.79
CA ASP A 3 -11.51 -4.48 -1.39
C ASP A 3 -12.01 -3.36 -2.29
N ILE A 4 -11.31 -2.25 -2.27
CA ILE A 4 -11.57 -1.16 -3.17
C ILE A 4 -11.08 -1.54 -4.55
N SER A 5 -9.84 -1.98 -4.58
CA SER A 5 -9.22 -2.41 -5.82
C SER A 5 -8.68 -3.82 -5.69
N ALA A 6 -7.52 -3.94 -5.06
CA ALA A 6 -6.93 -5.23 -4.80
C ALA A 6 -6.86 -5.40 -3.30
N LEU A 7 -7.36 -4.36 -2.65
CA LEU A 7 -7.29 -4.19 -1.23
C LEU A 7 -8.19 -3.05 -0.83
N THR A 8 -8.22 -2.74 0.44
CA THR A 8 -9.05 -1.66 0.97
C THR A 8 -8.24 -0.61 1.72
N VAL A 9 -8.93 0.47 2.05
CA VAL A 9 -8.38 1.60 2.74
C VAL A 9 -8.42 1.34 4.23
N GLY A 10 -7.29 1.58 4.84
CA GLY A 10 -7.08 1.18 6.20
C GLY A 10 -6.79 -0.30 6.26
N GLN A 11 -6.42 -0.88 5.13
CA GLN A 11 -6.08 -2.30 5.08
C GLN A 11 -4.74 -2.51 5.74
N ALA A 12 -3.78 -1.73 5.24
CA ALA A 12 -2.41 -1.74 5.72
C ALA A 12 -1.66 -2.96 5.24
N LEU A 13 -0.51 -2.68 4.67
CA LEU A 13 0.32 -3.67 4.03
C LEU A 13 1.77 -3.24 4.14
N LYS A 14 2.56 -3.64 3.17
CA LYS A 14 3.96 -3.30 3.14
C LYS A 14 4.36 -2.90 1.73
N VAL A 15 5.28 -1.97 1.65
CA VAL A 15 5.81 -1.56 0.37
C VAL A 15 7.31 -1.64 0.38
N LYS A 16 7.87 -1.93 -0.76
CA LYS A 16 9.28 -2.13 -0.88
C LYS A 16 9.92 -0.84 -1.33
N ALA A 17 10.33 -0.05 -0.37
CA ALA A 17 10.90 1.25 -0.66
C ALA A 17 12.35 1.30 -0.21
N GLY A 18 13.23 0.93 -1.12
CA GLY A 18 14.64 0.87 -0.81
C GLY A 18 15.10 -0.55 -0.61
N GLN A 19 14.66 -1.44 -1.51
CA GLN A 19 15.00 -2.87 -1.48
C GLN A 19 14.18 -3.63 -0.44
N ASN A 20 13.70 -2.94 0.58
CA ASN A 20 13.03 -3.59 1.69
C ASN A 20 11.56 -3.19 1.78
N ALA A 21 10.73 -4.15 2.18
CA ALA A 21 9.34 -3.88 2.44
C ALA A 21 9.24 -3.15 3.78
N MET A 22 8.48 -2.09 3.74
CA MET A 22 8.47 -1.10 4.80
C MET A 22 7.42 -1.43 5.85
N ASP A 23 6.20 -0.98 5.56
CA ASP A 23 5.00 -1.13 6.40
C ASP A 23 4.16 0.10 6.20
N ALA A 24 3.03 -0.03 5.55
CA ALA A 24 2.31 1.13 5.13
C ALA A 24 0.81 0.92 5.23
N THR A 25 0.08 2.00 5.52
CA THR A 25 -1.34 1.88 5.80
C THR A 25 -2.18 2.62 4.77
N VAL A 26 -3.16 1.93 4.21
CA VAL A 26 -3.90 2.46 3.09
C VAL A 26 -4.72 3.69 3.43
N LEU A 27 -4.43 4.79 2.73
CA LEU A 27 -5.19 6.03 2.87
C LEU A 27 -6.16 6.17 1.70
N GLU A 28 -5.72 5.73 0.53
CA GLU A 28 -6.50 5.75 -0.66
C GLU A 28 -5.89 4.70 -1.55
N ILE A 29 -6.64 4.20 -2.47
CA ILE A 29 -6.20 3.11 -3.29
C ILE A 29 -6.15 3.47 -4.76
N THR A 30 -5.37 2.73 -5.53
CA THR A 30 -5.15 3.07 -6.92
C THR A 30 -5.78 2.04 -7.84
N LYS A 31 -5.33 2.02 -9.08
CA LYS A 31 -5.83 1.09 -10.08
C LYS A 31 -5.74 -0.35 -9.61
N ASP A 32 -4.75 -0.64 -8.77
CA ASP A 32 -4.53 -1.99 -8.30
C ASP A 32 -3.64 -1.92 -7.08
N GLY A 33 -2.86 -0.86 -7.03
CA GLY A 33 -1.99 -0.62 -5.91
C GLY A 33 -2.72 0.25 -4.96
N VAL A 34 -1.99 1.06 -4.25
CA VAL A 34 -2.60 1.90 -3.31
C VAL A 34 -1.88 3.22 -3.21
N ARG A 35 -2.36 4.03 -2.32
CA ARG A 35 -1.59 5.11 -1.75
C ARG A 35 -1.72 5.01 -0.25
N VAL A 36 -0.81 4.29 0.30
CA VAL A 36 -0.82 4.04 1.71
C VAL A 36 -0.10 5.12 2.43
N GLN A 37 0.01 4.97 3.73
CA GLN A 37 0.84 5.79 4.52
C GLN A 37 2.07 5.01 4.89
N LEU A 38 3.21 5.39 4.37
CA LEU A 38 4.41 4.60 4.59
C LEU A 38 4.87 4.70 6.02
N ASN A 39 5.59 3.69 6.47
CA ASN A 39 6.20 3.72 7.79
C ASN A 39 7.16 4.90 7.86
N SER A 40 7.84 5.16 6.75
CA SER A 40 8.65 6.37 6.60
C SER A 40 7.75 7.59 6.48
N GLY A 41 6.45 7.32 6.38
CA GLY A 41 5.47 8.39 6.33
C GLY A 41 5.45 9.11 5.00
N MET A 42 5.64 8.36 3.91
CA MET A 42 5.70 8.99 2.60
C MET A 42 4.31 9.17 2.05
N SER A 43 3.60 8.06 2.11
CA SER A 43 2.25 7.93 1.60
C SER A 43 2.24 7.94 0.08
N LEU A 44 1.79 6.83 -0.49
CA LEU A 44 2.09 6.51 -1.90
C LEU A 44 1.86 5.04 -2.26
N ILE A 45 2.25 4.16 -1.34
CA ILE A 45 2.57 2.77 -1.61
C ILE A 45 3.20 2.54 -3.00
N VAL A 46 2.39 2.24 -4.03
CA VAL A 46 2.93 1.71 -5.29
C VAL A 46 1.82 1.02 -6.08
N ARG A 47 2.24 0.16 -6.97
CA ARG A 47 1.37 -0.63 -7.83
C ARG A 47 1.24 -2.02 -7.22
N ALA A 48 0.14 -2.69 -7.52
CA ALA A 48 -0.22 -3.94 -6.86
C ALA A 48 0.78 -5.06 -7.09
N GLU A 49 1.62 -4.92 -8.10
CA GLU A 49 2.60 -5.95 -8.40
C GLU A 49 3.95 -5.48 -7.89
N HIS A 50 3.89 -4.73 -6.82
CA HIS A 50 5.04 -4.20 -6.18
C HIS A 50 4.88 -4.25 -4.67
N LEU A 51 3.64 -4.23 -4.22
CA LEU A 51 3.33 -4.20 -2.82
C LEU A 51 3.12 -5.62 -2.29
N VAL A 52 3.16 -5.75 -0.98
CA VAL A 52 3.03 -7.05 -0.34
C VAL A 52 2.02 -7.05 0.82
N PHE A 53 0.75 -6.98 0.46
CA PHE A 53 -0.34 -7.30 1.35
C PHE A 53 -0.46 -8.81 1.54
N VAL A 1 -17.13 -4.97 2.92
CA VAL A 1 -15.70 -4.74 2.59
C VAL A 1 -15.15 -5.88 1.75
N SER A 2 -15.09 -5.67 0.45
CA SER A 2 -14.57 -6.66 -0.48
C SER A 2 -13.36 -6.09 -1.20
N ASP A 3 -12.77 -5.05 -0.57
CA ASP A 3 -11.62 -4.33 -1.09
C ASP A 3 -12.02 -3.44 -2.26
N ILE A 4 -11.39 -2.28 -2.34
CA ILE A 4 -11.70 -1.33 -3.37
C ILE A 4 -11.14 -1.79 -4.70
N SER A 5 -9.87 -2.17 -4.69
CA SER A 5 -9.22 -2.61 -5.90
C SER A 5 -8.62 -3.99 -5.72
N ALA A 6 -7.53 -4.05 -5.01
CA ALA A 6 -6.88 -5.31 -4.70
C ALA A 6 -6.84 -5.40 -3.20
N LEU A 7 -7.38 -4.35 -2.60
CA LEU A 7 -7.30 -4.12 -1.18
C LEU A 7 -8.23 -2.99 -0.81
N THR A 8 -8.26 -2.68 0.46
CA THR A 8 -9.07 -1.60 0.99
C THR A 8 -8.24 -0.54 1.71
N VAL A 9 -8.92 0.54 2.03
CA VAL A 9 -8.35 1.65 2.75
C VAL A 9 -8.39 1.36 4.23
N GLY A 10 -7.27 1.59 4.84
CA GLY A 10 -7.05 1.16 6.19
C GLY A 10 -6.75 -0.32 6.24
N GLN A 11 -6.39 -0.87 5.08
CA GLN A 11 -6.06 -2.31 5.02
C GLN A 11 -4.71 -2.52 5.68
N ALA A 12 -3.77 -1.71 5.24
CA ALA A 12 -2.41 -1.73 5.75
C ALA A 12 -1.65 -2.97 5.28
N LEU A 13 -0.52 -2.69 4.67
CA LEU A 13 0.31 -3.69 4.04
C LEU A 13 1.76 -3.28 4.18
N LYS A 14 2.58 -3.66 3.23
CA LYS A 14 3.97 -3.30 3.22
C LYS A 14 4.34 -2.65 1.90
N VAL A 15 5.24 -1.72 1.99
CA VAL A 15 5.80 -1.08 0.83
C VAL A 15 7.28 -1.39 0.75
N LYS A 16 7.77 -1.51 -0.45
CA LYS A 16 9.17 -1.74 -0.70
C LYS A 16 9.87 -0.41 -0.81
N ALA A 17 10.35 0.06 0.32
CA ALA A 17 10.99 1.37 0.41
C ALA A 17 12.45 1.19 0.77
N GLY A 18 13.30 1.21 -0.23
CA GLY A 18 14.71 0.96 -0.02
C GLY A 18 15.04 -0.50 -0.25
N GLN A 19 14.40 -1.07 -1.28
CA GLN A 19 14.57 -2.47 -1.67
C GLN A 19 13.89 -3.43 -0.69
N ASN A 20 13.59 -2.92 0.50
CA ASN A 20 12.98 -3.73 1.55
C ASN A 20 11.55 -3.29 1.82
N ALA A 21 10.68 -4.25 2.08
CA ALA A 21 9.33 -3.96 2.49
C ALA A 21 9.37 -3.41 3.90
N MET A 22 8.66 -2.34 4.08
CA MET A 22 8.73 -1.56 5.29
C MET A 22 7.48 -1.77 6.12
N ASP A 23 6.44 -1.10 5.67
CA ASP A 23 5.09 -1.22 6.19
C ASP A 23 4.36 0.01 5.69
N ALA A 24 3.06 -0.07 5.47
CA ALA A 24 2.34 1.11 5.08
C ALA A 24 0.83 0.92 5.22
N THR A 25 0.09 1.99 5.49
CA THR A 25 -1.32 1.87 5.79
C THR A 25 -2.18 2.59 4.78
N VAL A 26 -3.14 1.90 4.20
CA VAL A 26 -3.88 2.42 3.08
C VAL A 26 -4.72 3.65 3.42
N LEU A 27 -4.45 4.74 2.72
CA LEU A 27 -5.22 5.98 2.86
C LEU A 27 -6.14 6.15 1.66
N GLU A 28 -5.66 5.73 0.50
CA GLU A 28 -6.38 5.82 -0.73
C GLU A 28 -5.83 4.72 -1.58
N ILE A 29 -6.58 4.27 -2.54
CA ILE A 29 -6.18 3.15 -3.36
C ILE A 29 -6.07 3.53 -4.83
N THR A 30 -5.34 2.72 -5.59
CA THR A 30 -5.12 3.00 -7.00
C THR A 30 -5.76 1.95 -7.90
N LYS A 31 -5.30 1.90 -9.14
CA LYS A 31 -5.81 0.94 -10.12
C LYS A 31 -5.74 -0.49 -9.60
N ASP A 32 -4.75 -0.74 -8.77
CA ASP A 32 -4.54 -2.08 -8.23
C ASP A 32 -3.61 -1.98 -7.05
N GLY A 33 -2.84 -0.90 -7.03
CA GLY A 33 -1.98 -0.62 -5.92
C GLY A 33 -2.71 0.27 -5.01
N VAL A 34 -1.99 1.09 -4.29
CA VAL A 34 -2.61 1.92 -3.34
C VAL A 34 -1.88 3.24 -3.23
N ARG A 35 -2.38 4.05 -2.32
CA ARG A 35 -1.62 5.13 -1.74
C ARG A 35 -1.76 5.00 -0.25
N VAL A 36 -0.82 4.32 0.31
CA VAL A 36 -0.83 4.03 1.74
C VAL A 36 -0.09 5.10 2.48
N GLN A 37 0.01 4.91 3.78
CA GLN A 37 0.84 5.71 4.59
C GLN A 37 2.08 4.93 4.97
N LEU A 38 3.19 5.29 4.36
CA LEU A 38 4.42 4.54 4.53
C LEU A 38 4.93 4.62 5.94
N ASN A 39 5.43 3.50 6.39
CA ASN A 39 6.04 3.37 7.71
C ASN A 39 7.41 4.01 7.66
N SER A 40 7.91 4.17 6.44
CA SER A 40 9.03 5.04 6.16
C SER A 40 8.63 6.47 6.48
N GLY A 41 7.32 6.68 6.57
CA GLY A 41 6.79 7.96 6.95
C GLY A 41 6.22 8.74 5.78
N MET A 42 5.95 8.06 4.67
CA MET A 42 5.47 8.72 3.48
C MET A 42 4.01 8.31 3.24
N SER A 43 3.54 8.46 2.03
CA SER A 43 2.21 8.04 1.61
C SER A 43 2.21 7.96 0.10
N LEU A 44 1.76 6.83 -0.44
CA LEU A 44 1.99 6.52 -1.86
C LEU A 44 1.78 5.04 -2.21
N ILE A 45 2.19 4.18 -1.30
CA ILE A 45 2.54 2.78 -1.59
C ILE A 45 3.17 2.59 -2.97
N VAL A 46 2.38 2.30 -4.00
CA VAL A 46 2.90 1.79 -5.26
C VAL A 46 1.78 1.12 -6.05
N ARG A 47 2.17 0.23 -6.92
CA ARG A 47 1.24 -0.54 -7.74
C ARG A 47 1.16 -1.95 -7.17
N ALA A 48 0.13 -2.67 -7.56
CA ALA A 48 -0.21 -3.94 -6.96
C ALA A 48 0.83 -5.02 -7.21
N GLU A 49 1.67 -4.79 -8.20
CA GLU A 49 2.66 -5.78 -8.56
C GLU A 49 4.01 -5.37 -7.99
N HIS A 50 3.91 -4.59 -6.94
CA HIS A 50 5.07 -4.08 -6.27
C HIS A 50 4.89 -4.11 -4.75
N LEU A 51 3.64 -4.15 -4.30
CA LEU A 51 3.34 -4.09 -2.90
C LEU A 51 3.23 -5.48 -2.32
N VAL A 52 3.13 -5.54 -1.01
CA VAL A 52 2.96 -6.77 -0.31
C VAL A 52 1.90 -6.59 0.80
N PHE A 53 0.67 -6.92 0.45
CA PHE A 53 -0.37 -7.20 1.42
C PHE A 53 -0.34 -8.67 1.81
N VAL A 1 -16.99 -4.35 0.47
CA VAL A 1 -16.20 -5.57 0.77
C VAL A 1 -15.53 -6.08 -0.49
N SER A 2 -14.71 -7.13 -0.33
CA SER A 2 -13.97 -7.75 -1.44
C SER A 2 -12.86 -6.82 -1.94
N ASP A 3 -12.58 -5.80 -1.13
CA ASP A 3 -11.53 -4.83 -1.40
C ASP A 3 -11.89 -3.94 -2.58
N ILE A 4 -11.28 -2.77 -2.62
CA ILE A 4 -11.54 -1.81 -3.67
C ILE A 4 -10.83 -2.22 -4.95
N SER A 5 -9.52 -2.17 -4.91
CA SER A 5 -8.69 -2.47 -6.05
C SER A 5 -8.25 -3.93 -6.03
N ALA A 6 -7.25 -4.14 -5.22
CA ALA A 6 -6.76 -5.43 -4.87
C ALA A 6 -6.78 -5.46 -3.37
N LEU A 7 -7.19 -4.31 -2.81
CA LEU A 7 -7.18 -4.10 -1.39
C LEU A 7 -8.13 -2.97 -1.01
N THR A 8 -8.16 -2.67 0.27
CA THR A 8 -9.00 -1.62 0.82
C THR A 8 -8.20 -0.58 1.62
N VAL A 9 -8.90 0.48 1.98
CA VAL A 9 -8.35 1.59 2.72
C VAL A 9 -8.36 1.28 4.19
N GLY A 10 -7.23 1.55 4.79
CA GLY A 10 -6.98 1.14 6.14
C GLY A 10 -6.64 -0.33 6.19
N GLN A 11 -6.32 -0.90 5.03
CA GLN A 11 -6.01 -2.32 4.96
C GLN A 11 -4.64 -2.56 5.57
N ALA A 12 -3.69 -1.78 5.08
CA ALA A 12 -2.31 -1.79 5.56
C ALA A 12 -1.52 -2.97 5.02
N LEU A 13 -0.37 -2.64 4.47
CA LEU A 13 0.47 -3.59 3.77
C LEU A 13 1.92 -3.12 3.76
N LYS A 14 2.64 -3.50 2.71
CA LYS A 14 4.02 -3.14 2.54
C LYS A 14 4.17 -2.17 1.39
N VAL A 15 5.10 -1.27 1.57
CA VAL A 15 5.45 -0.30 0.55
C VAL A 15 6.76 -0.67 -0.06
N LYS A 16 7.55 -1.24 0.81
CA LYS A 16 8.92 -1.59 0.55
C LYS A 16 9.74 -0.34 0.24
N ALA A 17 10.40 0.14 1.27
CA ALA A 17 11.18 1.35 1.19
C ALA A 17 12.66 1.03 1.30
N GLY A 18 13.39 1.33 0.24
CA GLY A 18 14.81 1.02 0.20
C GLY A 18 15.05 -0.45 -0.04
N GLN A 19 14.38 -1.01 -1.05
CA GLN A 19 14.52 -2.41 -1.46
C GLN A 19 13.85 -3.37 -0.48
N ASN A 20 13.82 -3.02 0.80
CA ASN A 20 13.24 -3.87 1.82
C ASN A 20 11.83 -3.42 2.15
N ALA A 21 11.09 -4.24 2.87
CA ALA A 21 9.77 -3.86 3.33
C ALA A 21 9.89 -2.80 4.41
N MET A 22 8.75 -2.34 4.86
CA MET A 22 8.71 -1.21 5.74
C MET A 22 7.46 -1.27 6.59
N ASP A 23 6.36 -1.12 5.86
CA ASP A 23 4.97 -1.14 6.34
C ASP A 23 4.33 0.15 5.93
N ALA A 24 3.08 0.06 5.54
CA ALA A 24 2.36 1.23 5.15
C ALA A 24 0.86 0.99 5.20
N THR A 25 0.09 2.04 5.49
CA THR A 25 -1.33 1.87 5.76
C THR A 25 -2.20 2.63 4.77
N VAL A 26 -3.13 1.94 4.16
CA VAL A 26 -3.90 2.49 3.06
C VAL A 26 -4.72 3.71 3.45
N LEU A 27 -4.47 4.82 2.75
CA LEU A 27 -5.26 6.04 2.91
C LEU A 27 -6.19 6.21 1.72
N GLU A 28 -5.69 5.86 0.55
CA GLU A 28 -6.42 5.97 -0.67
C GLU A 28 -5.86 4.89 -1.55
N ILE A 29 -6.62 4.44 -2.48
CA ILE A 29 -6.20 3.33 -3.29
C ILE A 29 -6.08 3.69 -4.76
N THR A 30 -5.36 2.85 -5.51
CA THR A 30 -5.17 3.08 -6.93
C THR A 30 -5.90 2.01 -7.72
N LYS A 31 -5.53 1.86 -8.98
CA LYS A 31 -6.17 0.90 -9.84
C LYS A 31 -5.98 -0.52 -9.35
N ASP A 32 -4.87 -0.76 -8.68
CA ASP A 32 -4.48 -2.07 -8.29
C ASP A 32 -3.66 -1.97 -7.03
N GLY A 33 -2.92 -0.88 -6.93
CA GLY A 33 -2.08 -0.64 -5.81
C GLY A 33 -2.80 0.28 -4.91
N VAL A 34 -2.07 1.12 -4.24
CA VAL A 34 -2.67 2.00 -3.32
C VAL A 34 -1.90 3.30 -3.21
N ARG A 35 -2.36 4.11 -2.30
CA ARG A 35 -1.59 5.17 -1.71
C ARG A 35 -1.71 5.03 -0.22
N VAL A 36 -0.77 4.36 0.34
CA VAL A 36 -0.79 4.06 1.74
C VAL A 36 -0.08 5.13 2.52
N GLN A 37 -0.02 4.94 3.80
CA GLN A 37 0.75 5.77 4.65
C GLN A 37 2.00 5.01 5.05
N LEU A 38 3.13 5.45 4.55
CA LEU A 38 4.37 4.75 4.79
C LEU A 38 4.80 4.85 6.23
N ASN A 39 5.37 3.76 6.69
CA ASN A 39 5.92 3.67 8.04
C ASN A 39 7.08 4.64 8.15
N SER A 40 7.74 4.82 7.01
CA SER A 40 8.74 5.86 6.85
C SER A 40 8.13 7.21 7.13
N GLY A 41 6.80 7.26 7.01
CA GLY A 41 6.07 8.46 7.28
C GLY A 41 5.62 9.16 6.01
N MET A 42 5.55 8.41 4.92
CA MET A 42 5.19 9.00 3.65
C MET A 42 3.79 8.49 3.29
N SER A 43 3.41 8.58 2.04
CA SER A 43 2.13 8.11 1.57
C SER A 43 2.19 7.98 0.06
N LEU A 44 1.80 6.81 -0.44
CA LEU A 44 2.08 6.47 -1.86
C LEU A 44 1.85 4.99 -2.20
N ILE A 45 2.28 4.12 -1.30
CA ILE A 45 2.57 2.71 -1.58
C ILE A 45 3.17 2.47 -2.98
N VAL A 46 2.35 2.17 -3.99
CA VAL A 46 2.83 1.55 -5.21
C VAL A 46 1.69 0.89 -5.97
N ARG A 47 2.05 -0.05 -6.82
CA ARG A 47 1.13 -0.82 -7.60
C ARG A 47 1.01 -2.22 -7.03
N ALA A 48 -0.01 -2.92 -7.46
CA ALA A 48 -0.45 -4.16 -6.83
C ALA A 48 0.54 -5.29 -7.02
N GLU A 49 1.41 -5.14 -7.98
CA GLU A 49 2.38 -6.18 -8.26
C GLU A 49 3.72 -5.79 -7.67
N HIS A 50 3.61 -4.99 -6.64
CA HIS A 50 4.76 -4.52 -5.92
C HIS A 50 4.52 -4.59 -4.42
N LEU A 51 3.25 -4.56 -4.01
CA LEU A 51 2.89 -4.61 -2.63
C LEU A 51 2.60 -6.04 -2.19
N VAL A 52 2.65 -6.27 -0.90
CA VAL A 52 2.27 -7.56 -0.33
C VAL A 52 1.31 -7.40 0.86
N PHE A 53 0.03 -7.25 0.55
CA PHE A 53 -1.01 -7.23 1.53
C PHE A 53 -1.27 -8.62 2.10
N VAL A 1 -12.52 -8.85 3.82
CA VAL A 1 -12.43 -8.73 2.35
C VAL A 1 -13.39 -7.66 1.85
N SER A 2 -12.89 -6.44 1.79
CA SER A 2 -13.67 -5.31 1.32
C SER A 2 -12.88 -4.55 0.27
N ASP A 3 -11.97 -5.26 -0.40
CA ASP A 3 -11.09 -4.67 -1.39
C ASP A 3 -11.83 -3.77 -2.36
N ILE A 4 -11.30 -2.58 -2.44
CA ILE A 4 -11.74 -1.61 -3.41
C ILE A 4 -11.13 -1.95 -4.75
N SER A 5 -9.82 -2.12 -4.74
CA SER A 5 -9.11 -2.51 -5.94
C SER A 5 -8.54 -3.90 -5.77
N ALA A 6 -7.42 -4.00 -5.10
CA ALA A 6 -6.84 -5.29 -4.79
C ALA A 6 -6.83 -5.42 -3.29
N LEU A 7 -7.35 -4.37 -2.68
CA LEU A 7 -7.26 -4.18 -1.25
C LEU A 7 -8.19 -3.05 -0.83
N THR A 8 -8.18 -2.76 0.45
CA THR A 8 -9.00 -1.70 1.02
C THR A 8 -8.19 -0.60 1.69
N VAL A 9 -8.89 0.46 2.04
CA VAL A 9 -8.34 1.60 2.73
C VAL A 9 -8.38 1.32 4.20
N GLY A 10 -7.26 1.60 4.83
CA GLY A 10 -7.06 1.17 6.18
C GLY A 10 -6.80 -0.31 6.24
N GLN A 11 -6.42 -0.89 5.10
CA GLN A 11 -6.10 -2.31 5.05
C GLN A 11 -4.76 -2.53 5.71
N ALA A 12 -3.82 -1.69 5.33
CA ALA A 12 -2.47 -1.72 5.84
C ALA A 12 -1.71 -2.95 5.36
N LEU A 13 -0.59 -2.67 4.78
CA LEU A 13 0.26 -3.68 4.16
C LEU A 13 1.71 -3.28 4.32
N LYS A 14 2.52 -3.66 3.37
CA LYS A 14 3.92 -3.32 3.38
C LYS A 14 4.31 -2.68 2.08
N VAL A 15 5.15 -1.68 2.16
CA VAL A 15 5.65 -1.02 0.99
C VAL A 15 7.12 -1.35 0.82
N LYS A 16 7.49 -1.54 -0.40
CA LYS A 16 8.84 -1.80 -0.81
C LYS A 16 9.68 -0.54 -0.81
N ALA A 17 9.62 0.11 0.30
CA ALA A 17 10.34 1.35 0.51
C ALA A 17 11.84 1.12 0.40
N GLY A 18 12.42 1.52 -0.73
CA GLY A 18 13.81 1.24 -1.00
C GLY A 18 13.99 -0.18 -1.48
N GLN A 19 12.94 -0.72 -2.10
CA GLN A 19 12.89 -2.09 -2.58
C GLN A 19 12.77 -3.08 -1.41
N ASN A 20 12.71 -2.54 -0.21
CA ASN A 20 12.53 -3.33 1.00
C ASN A 20 11.11 -3.16 1.51
N ALA A 21 10.44 -4.25 1.79
CA ALA A 21 9.10 -4.17 2.31
C ALA A 21 9.15 -3.66 3.74
N MET A 22 8.52 -2.53 3.90
CA MET A 22 8.65 -1.69 5.09
C MET A 22 7.44 -1.86 5.98
N ASP A 23 6.38 -1.18 5.57
CA ASP A 23 5.06 -1.23 6.21
C ASP A 23 4.34 0.03 5.81
N ALA A 24 3.05 -0.05 5.57
CA ALA A 24 2.31 1.11 5.16
C ALA A 24 0.81 0.92 5.32
N THR A 25 0.07 2.01 5.56
CA THR A 25 -1.35 1.91 5.84
C THR A 25 -2.19 2.62 4.78
N VAL A 26 -3.14 1.92 4.21
CA VAL A 26 -3.88 2.45 3.08
C VAL A 26 -4.69 3.69 3.43
N LEU A 27 -4.40 4.77 2.70
CA LEU A 27 -5.17 6.02 2.84
C LEU A 27 -6.13 6.17 1.67
N GLU A 28 -5.69 5.70 0.51
CA GLU A 28 -6.47 5.74 -0.68
C GLU A 28 -5.88 4.71 -1.59
N ILE A 29 -6.66 4.23 -2.51
CA ILE A 29 -6.23 3.13 -3.34
C ILE A 29 -6.18 3.50 -4.82
N THR A 30 -5.39 2.74 -5.57
CA THR A 30 -5.17 3.07 -6.96
C THR A 30 -5.81 2.03 -7.88
N LYS A 31 -5.32 1.96 -9.11
CA LYS A 31 -5.85 1.04 -10.10
C LYS A 31 -5.73 -0.41 -9.65
N ASP A 32 -4.76 -0.68 -8.78
CA ASP A 32 -4.49 -2.03 -8.36
C ASP A 32 -3.65 -1.95 -7.10
N GLY A 33 -2.87 -0.88 -7.04
CA GLY A 33 -2.03 -0.63 -5.91
C GLY A 33 -2.74 0.27 -4.99
N VAL A 34 -2.02 1.08 -4.28
CA VAL A 34 -2.62 1.92 -3.34
C VAL A 34 -1.87 3.24 -3.22
N ARG A 35 -2.36 4.05 -2.33
CA ARG A 35 -1.59 5.12 -1.74
C ARG A 35 -1.72 4.99 -0.25
N VAL A 36 -0.79 4.29 0.30
CA VAL A 36 -0.78 4.02 1.71
C VAL A 36 -0.09 5.11 2.45
N GLN A 37 0.02 4.92 3.73
CA GLN A 37 0.82 5.75 4.56
C GLN A 37 2.08 5.00 4.90
N LEU A 38 3.21 5.45 4.41
CA LEU A 38 4.43 4.70 4.60
C LEU A 38 4.94 4.86 6.01
N ASN A 39 5.48 3.77 6.52
CA ASN A 39 6.06 3.74 7.84
C ASN A 39 7.29 4.64 7.85
N SER A 40 7.93 4.70 6.68
CA SER A 40 8.98 5.67 6.42
C SER A 40 8.43 7.09 6.53
N GLY A 41 7.11 7.17 6.41
CA GLY A 41 6.43 8.43 6.51
C GLY A 41 6.24 9.08 5.15
N MET A 42 6.13 8.26 4.12
CA MET A 42 6.03 8.80 2.76
C MET A 42 4.58 8.95 2.31
N SER A 43 3.89 7.81 2.23
CA SER A 43 2.52 7.73 1.73
C SER A 43 2.50 7.82 0.22
N LEU A 44 1.92 6.79 -0.40
CA LEU A 44 2.13 6.53 -1.84
C LEU A 44 1.86 5.07 -2.23
N ILE A 45 2.27 4.16 -1.35
CA ILE A 45 2.57 2.77 -1.66
C ILE A 45 3.17 2.57 -3.06
N VAL A 46 2.35 2.29 -4.08
CA VAL A 46 2.86 1.79 -5.35
C VAL A 46 1.73 1.11 -6.12
N ARG A 47 2.10 0.22 -7.02
CA ARG A 47 1.16 -0.57 -7.78
C ARG A 47 1.12 -1.97 -7.17
N ALA A 48 0.10 -2.73 -7.53
CA ALA A 48 -0.22 -3.96 -6.82
C ALA A 48 0.76 -5.07 -7.10
N GLU A 49 1.56 -4.89 -8.12
CA GLU A 49 2.55 -5.87 -8.50
C GLU A 49 3.90 -5.43 -8.00
N HIS A 50 3.85 -4.63 -6.96
CA HIS A 50 5.02 -4.12 -6.33
C HIS A 50 4.88 -4.16 -4.81
N LEU A 51 3.64 -4.16 -4.35
CA LEU A 51 3.36 -4.15 -2.95
C LEU A 51 3.15 -5.57 -2.43
N VAL A 52 3.18 -5.71 -1.12
CA VAL A 52 3.04 -7.02 -0.49
C VAL A 52 2.08 -7.02 0.70
N PHE A 53 0.79 -6.93 0.39
CA PHE A 53 -0.25 -7.24 1.33
C PHE A 53 -0.28 -8.73 1.62
N VAL A 1 -15.91 -5.19 3.52
CA VAL A 1 -14.82 -4.63 2.70
C VAL A 1 -14.32 -5.65 1.69
N SER A 2 -14.94 -5.64 0.52
CA SER A 2 -14.57 -6.54 -0.55
C SER A 2 -13.49 -5.89 -1.43
N ASP A 3 -12.72 -5.01 -0.80
CA ASP A 3 -11.57 -4.35 -1.44
C ASP A 3 -12.04 -3.30 -2.44
N ILE A 4 -11.32 -2.18 -2.49
CA ILE A 4 -11.57 -1.18 -3.49
C ILE A 4 -11.00 -1.63 -4.81
N SER A 5 -9.76 -2.05 -4.77
CA SER A 5 -9.11 -2.57 -5.96
C SER A 5 -8.57 -3.97 -5.71
N ALA A 6 -7.45 -4.04 -5.03
CA ALA A 6 -6.84 -5.30 -4.70
C ALA A 6 -6.83 -5.41 -3.20
N LEU A 7 -7.37 -4.37 -2.60
CA LEU A 7 -7.32 -4.15 -1.19
C LEU A 7 -8.24 -2.99 -0.84
N THR A 8 -8.29 -2.67 0.44
CA THR A 8 -9.10 -1.56 0.93
C THR A 8 -8.28 -0.54 1.71
N VAL A 9 -8.94 0.56 2.02
CA VAL A 9 -8.38 1.66 2.75
C VAL A 9 -8.45 1.37 4.23
N GLY A 10 -7.33 1.59 4.86
CA GLY A 10 -7.14 1.16 6.22
C GLY A 10 -6.80 -0.30 6.27
N GLN A 11 -6.45 -0.86 5.12
CA GLN A 11 -6.11 -2.29 5.05
C GLN A 11 -4.80 -2.52 5.75
N ALA A 12 -3.84 -1.71 5.32
CA ALA A 12 -2.49 -1.74 5.85
C ALA A 12 -1.74 -2.97 5.38
N LEU A 13 -0.60 -2.69 4.80
CA LEU A 13 0.24 -3.68 4.18
C LEU A 13 1.69 -3.21 4.23
N LYS A 14 2.46 -3.55 3.24
CA LYS A 14 3.85 -3.19 3.22
C LYS A 14 4.23 -2.55 1.89
N VAL A 15 5.19 -1.66 1.97
CA VAL A 15 5.72 -1.01 0.82
C VAL A 15 7.18 -1.39 0.69
N LYS A 16 7.67 -1.44 -0.52
CA LYS A 16 9.05 -1.73 -0.78
C LYS A 16 9.75 -0.42 -1.08
N ALA A 17 10.24 0.18 -0.03
CA ALA A 17 10.85 1.49 -0.12
C ALA A 17 12.31 1.34 -0.50
N GLY A 18 12.52 1.00 -1.76
CA GLY A 18 13.85 0.72 -2.25
C GLY A 18 14.00 -0.73 -2.62
N GLN A 19 14.67 -1.48 -1.76
CA GLN A 19 14.85 -2.91 -1.97
C GLN A 19 14.04 -3.71 -0.96
N ASN A 20 13.63 -3.04 0.11
CA ASN A 20 13.01 -3.72 1.23
C ASN A 20 11.59 -3.25 1.47
N ALA A 21 10.72 -4.20 1.83
CA ALA A 21 9.40 -3.87 2.28
C ALA A 21 9.52 -3.32 3.69
N MET A 22 8.67 -2.36 3.97
CA MET A 22 8.75 -1.60 5.19
C MET A 22 7.50 -1.81 6.02
N ASP A 23 6.46 -1.11 5.60
CA ASP A 23 5.09 -1.24 6.13
C ASP A 23 4.35 0.00 5.69
N ALA A 24 3.04 -0.08 5.51
CA ALA A 24 2.29 1.10 5.14
C ALA A 24 0.79 0.91 5.31
N THR A 25 0.06 1.99 5.57
CA THR A 25 -1.36 1.88 5.84
C THR A 25 -2.18 2.59 4.78
N VAL A 26 -3.17 1.91 4.25
CA VAL A 26 -3.90 2.40 3.10
C VAL A 26 -4.76 3.62 3.43
N LEU A 27 -4.47 4.74 2.77
CA LEU A 27 -5.27 5.94 2.88
C LEU A 27 -6.19 6.09 1.68
N GLU A 28 -5.67 5.71 0.52
CA GLU A 28 -6.40 5.74 -0.71
C GLU A 28 -5.85 4.63 -1.54
N ILE A 29 -6.56 4.23 -2.53
CA ILE A 29 -6.16 3.10 -3.34
C ILE A 29 -6.11 3.44 -4.81
N THR A 30 -5.31 2.70 -5.56
CA THR A 30 -5.09 3.03 -6.96
C THR A 30 -5.71 2.00 -7.88
N LYS A 31 -5.23 1.99 -9.11
CA LYS A 31 -5.71 1.06 -10.13
C LYS A 31 -5.69 -0.37 -9.61
N ASP A 32 -4.70 -0.68 -8.79
CA ASP A 32 -4.51 -2.04 -8.30
C ASP A 32 -3.62 -1.97 -7.08
N GLY A 33 -2.83 -0.90 -7.03
CA GLY A 33 -1.98 -0.66 -5.91
C GLY A 33 -2.69 0.21 -4.97
N VAL A 34 -1.97 1.01 -4.25
CA VAL A 34 -2.58 1.83 -3.29
C VAL A 34 -1.89 3.16 -3.19
N ARG A 35 -2.38 3.97 -2.30
CA ARG A 35 -1.63 5.07 -1.75
C ARG A 35 -1.74 4.97 -0.24
N VAL A 36 -0.79 4.29 0.30
CA VAL A 36 -0.77 4.02 1.71
C VAL A 36 -0.05 5.12 2.44
N GLN A 37 0.08 4.94 3.73
CA GLN A 37 0.95 5.75 4.52
C GLN A 37 2.19 4.97 4.83
N LEU A 38 3.30 5.34 4.23
CA LEU A 38 4.54 4.57 4.41
C LEU A 38 5.06 4.66 5.81
N ASN A 39 5.49 3.52 6.29
CA ASN A 39 6.10 3.41 7.61
C ASN A 39 7.48 4.03 7.55
N SER A 40 8.01 4.11 6.34
CA SER A 40 9.17 4.93 6.04
C SER A 40 8.85 6.38 6.36
N GLY A 41 7.55 6.66 6.43
CA GLY A 41 7.09 7.99 6.77
C GLY A 41 6.50 8.71 5.58
N MET A 42 6.20 7.98 4.52
CA MET A 42 5.65 8.58 3.32
C MET A 42 4.16 8.32 3.25
N SER A 43 3.71 8.17 2.02
CA SER A 43 2.33 7.94 1.63
C SER A 43 2.28 7.91 0.12
N LEU A 44 1.78 6.82 -0.45
CA LEU A 44 2.05 6.53 -1.87
C LEU A 44 1.81 5.06 -2.24
N ILE A 45 2.24 4.18 -1.34
CA ILE A 45 2.59 2.80 -1.65
C ILE A 45 3.18 2.63 -3.06
N VAL A 46 2.37 2.35 -4.09
CA VAL A 46 2.87 1.92 -5.38
C VAL A 46 1.74 1.21 -6.14
N ARG A 47 2.13 0.33 -7.03
CA ARG A 47 1.20 -0.48 -7.78
C ARG A 47 1.19 -1.88 -7.22
N ALA A 48 0.14 -2.62 -7.55
CA ALA A 48 -0.14 -3.90 -6.92
C ALA A 48 0.89 -4.95 -7.27
N GLU A 49 1.66 -4.69 -8.30
CA GLU A 49 2.64 -5.64 -8.76
C GLU A 49 4.01 -5.23 -8.27
N HIS A 50 4.00 -4.54 -7.16
CA HIS A 50 5.19 -4.09 -6.54
C HIS A 50 5.04 -4.16 -5.02
N LEU A 51 3.80 -4.08 -4.54
CA LEU A 51 3.52 -4.05 -3.14
C LEU A 51 3.33 -5.46 -2.60
N VAL A 52 3.28 -5.56 -1.28
CA VAL A 52 3.11 -6.84 -0.61
C VAL A 52 2.12 -6.80 0.56
N PHE A 53 0.84 -6.80 0.23
CA PHE A 53 -0.20 -7.09 1.19
C PHE A 53 -0.08 -8.55 1.65
N VAL A 1 -12.43 -10.53 -3.44
CA VAL A 1 -12.87 -9.35 -4.23
C VAL A 1 -14.01 -8.64 -3.51
N SER A 2 -13.73 -8.20 -2.29
CA SER A 2 -14.66 -7.44 -1.52
C SER A 2 -13.96 -6.20 -0.97
N ASP A 3 -12.98 -5.73 -1.73
CA ASP A 3 -12.19 -4.59 -1.34
C ASP A 3 -12.50 -3.42 -2.26
N ILE A 4 -11.62 -2.44 -2.34
CA ILE A 4 -11.78 -1.36 -3.28
C ILE A 4 -11.25 -1.75 -4.64
N SER A 5 -9.96 -2.01 -4.69
CA SER A 5 -9.32 -2.41 -5.93
C SER A 5 -8.73 -3.79 -5.83
N ALA A 6 -7.62 -3.88 -5.11
CA ALA A 6 -7.01 -5.16 -4.82
C ALA A 6 -6.99 -5.29 -3.31
N LEU A 7 -7.51 -4.26 -2.69
CA LEU A 7 -7.41 -4.06 -1.27
C LEU A 7 -8.33 -2.92 -0.86
N THR A 8 -8.33 -2.64 0.42
CA THR A 8 -9.13 -1.56 0.97
C THR A 8 -8.28 -0.56 1.74
N VAL A 9 -8.92 0.53 2.09
CA VAL A 9 -8.33 1.61 2.83
C VAL A 9 -8.30 1.27 4.30
N GLY A 10 -7.16 1.49 4.87
CA GLY A 10 -6.88 1.02 6.20
C GLY A 10 -6.55 -0.45 6.20
N GLN A 11 -6.25 -0.98 5.01
CA GLN A 11 -5.90 -2.40 4.91
C GLN A 11 -4.55 -2.65 5.53
N ALA A 12 -3.59 -1.81 5.14
CA ALA A 12 -2.25 -1.81 5.67
C ALA A 12 -1.43 -2.97 5.14
N LEU A 13 -0.29 -2.62 4.56
CA LEU A 13 0.57 -3.54 3.85
C LEU A 13 1.99 -2.97 3.71
N LYS A 14 2.69 -3.35 2.65
CA LYS A 14 4.09 -3.00 2.47
C LYS A 14 4.26 -2.11 1.27
N VAL A 15 5.19 -1.19 1.40
CA VAL A 15 5.52 -0.26 0.33
C VAL A 15 6.90 -0.55 -0.20
N LYS A 16 7.72 -0.91 0.74
CA LYS A 16 9.14 -1.09 0.58
C LYS A 16 9.78 0.14 -0.02
N ALA A 17 10.38 0.91 0.87
CA ALA A 17 10.97 2.16 0.51
C ALA A 17 12.35 2.29 1.16
N GLY A 18 13.39 2.22 0.34
CA GLY A 18 14.74 2.24 0.84
C GLY A 18 15.37 0.86 0.86
N GLN A 19 15.11 0.10 -0.20
CA GLN A 19 15.64 -1.26 -0.36
C GLN A 19 15.11 -2.20 0.72
N ASN A 20 14.12 -1.74 1.46
CA ASN A 20 13.59 -2.47 2.60
C ASN A 20 12.09 -2.26 2.72
N ALA A 21 11.40 -3.23 3.27
CA ALA A 21 9.99 -3.07 3.55
C ALA A 21 9.85 -2.21 4.78
N MET A 22 8.72 -1.58 4.88
CA MET A 22 8.53 -0.48 5.80
C MET A 22 7.30 -0.71 6.62
N ASP A 23 6.24 -0.84 5.87
CA ASP A 23 4.87 -1.09 6.32
C ASP A 23 4.11 0.20 6.27
N ALA A 24 3.01 0.13 5.60
CA ALA A 24 2.29 1.30 5.24
C ALA A 24 0.80 1.05 5.25
N THR A 25 0.03 2.08 5.56
CA THR A 25 -1.38 1.89 5.81
C THR A 25 -2.23 2.61 4.79
N VAL A 26 -3.11 1.88 4.15
CA VAL A 26 -3.87 2.41 3.03
C VAL A 26 -4.71 3.63 3.39
N LEU A 27 -4.46 4.73 2.68
CA LEU A 27 -5.27 5.94 2.82
C LEU A 27 -6.19 6.07 1.62
N GLU A 28 -5.67 5.75 0.46
CA GLU A 28 -6.38 5.82 -0.77
C GLU A 28 -5.84 4.73 -1.62
N ILE A 29 -6.62 4.25 -2.51
CA ILE A 29 -6.24 3.13 -3.33
C ILE A 29 -6.16 3.50 -4.80
N THR A 30 -5.39 2.73 -5.55
CA THR A 30 -5.19 3.05 -6.95
C THR A 30 -5.82 2.00 -7.85
N LYS A 31 -5.43 2.01 -9.12
CA LYS A 31 -5.92 1.05 -10.09
C LYS A 31 -5.74 -0.40 -9.64
N ASP A 32 -4.77 -0.66 -8.76
CA ASP A 32 -4.54 -2.01 -8.29
C ASP A 32 -3.65 -1.92 -7.08
N GLY A 33 -2.87 -0.84 -7.04
CA GLY A 33 -2.01 -0.60 -5.92
C GLY A 33 -2.72 0.28 -4.99
N VAL A 34 -2.00 1.10 -4.29
CA VAL A 34 -2.60 1.95 -3.35
C VAL A 34 -1.85 3.26 -3.23
N ARG A 35 -2.31 4.07 -2.31
CA ARG A 35 -1.52 5.13 -1.74
C ARG A 35 -1.67 5.04 -0.24
N VAL A 36 -0.73 4.35 0.33
CA VAL A 36 -0.76 4.08 1.75
C VAL A 36 -0.07 5.15 2.55
N GLN A 37 -0.09 4.97 3.85
CA GLN A 37 0.59 5.82 4.76
C GLN A 37 1.86 5.14 5.20
N LEU A 38 2.95 5.59 4.67
CA LEU A 38 4.23 4.98 4.97
C LEU A 38 4.58 5.09 6.43
N ASN A 39 5.27 4.07 6.90
CA ASN A 39 5.74 4.00 8.29
C ASN A 39 6.73 5.13 8.54
N SER A 40 7.44 5.52 7.49
CA SER A 40 8.27 6.71 7.52
C SER A 40 7.40 7.95 7.60
N GLY A 41 6.12 7.77 7.32
CA GLY A 41 5.18 8.86 7.43
C GLY A 41 4.85 9.49 6.09
N MET A 42 5.03 8.73 5.02
CA MET A 42 4.75 9.26 3.70
C MET A 42 3.43 8.65 3.23
N SER A 43 3.12 8.76 1.97
CA SER A 43 1.94 8.19 1.41
C SER A 43 2.14 8.01 -0.08
N LEU A 44 1.81 6.82 -0.57
CA LEU A 44 2.19 6.43 -1.94
C LEU A 44 1.96 4.96 -2.27
N ILE A 45 2.32 4.11 -1.33
CA ILE A 45 2.62 2.70 -1.59
C ILE A 45 3.24 2.43 -2.98
N VAL A 46 2.45 2.02 -3.97
CA VAL A 46 2.98 1.31 -5.15
C VAL A 46 1.86 0.93 -6.11
N ARG A 47 2.21 0.02 -7.00
CA ARG A 47 1.27 -0.71 -7.84
C ARG A 47 1.05 -2.04 -7.14
N ALA A 48 0.04 -2.77 -7.54
CA ALA A 48 -0.33 -3.98 -6.82
C ALA A 48 0.68 -5.09 -6.98
N GLU A 49 1.56 -4.92 -7.94
CA GLU A 49 2.57 -5.92 -8.22
C GLU A 49 3.86 -5.54 -7.53
N HIS A 50 3.72 -4.78 -6.48
CA HIS A 50 4.83 -4.33 -5.70
C HIS A 50 4.56 -4.48 -4.20
N LEU A 51 3.29 -4.50 -3.84
CA LEU A 51 2.88 -4.59 -2.48
C LEU A 51 2.60 -6.04 -2.09
N VAL A 52 2.73 -6.33 -0.81
CA VAL A 52 2.49 -7.67 -0.29
C VAL A 52 1.49 -7.68 0.86
N PHE A 53 0.27 -7.30 0.56
CA PHE A 53 -0.83 -7.39 1.49
C PHE A 53 -1.14 -8.83 1.88
N VAL A 1 -16.98 -6.85 2.66
CA VAL A 1 -15.63 -6.33 2.30
C VAL A 1 -14.84 -7.35 1.49
N SER A 2 -14.67 -7.07 0.21
CA SER A 2 -13.85 -7.89 -0.66
C SER A 2 -12.70 -7.06 -1.21
N ASP A 3 -12.44 -5.94 -0.54
CA ASP A 3 -11.39 -4.99 -0.92
C ASP A 3 -11.80 -4.19 -2.13
N ILE A 4 -11.26 -2.99 -2.25
CA ILE A 4 -11.57 -2.12 -3.35
C ILE A 4 -10.88 -2.62 -4.61
N SER A 5 -9.57 -2.52 -4.61
CA SER A 5 -8.77 -2.86 -5.75
C SER A 5 -8.26 -4.28 -5.62
N ALA A 6 -7.22 -4.39 -4.85
CA ALA A 6 -6.63 -5.63 -4.46
C ALA A 6 -6.60 -5.59 -2.95
N LEU A 7 -7.08 -4.44 -2.44
CA LEU A 7 -7.04 -4.13 -1.04
C LEU A 7 -8.02 -3.01 -0.75
N THR A 8 -8.12 -2.66 0.50
CA THR A 8 -8.99 -1.59 0.96
C THR A 8 -8.23 -0.49 1.67
N VAL A 9 -8.93 0.58 1.98
CA VAL A 9 -8.40 1.70 2.70
C VAL A 9 -8.44 1.40 4.17
N GLY A 10 -7.31 1.63 4.80
CA GLY A 10 -7.09 1.19 6.14
C GLY A 10 -6.83 -0.29 6.18
N GLN A 11 -6.52 -0.86 5.01
CA GLN A 11 -6.27 -2.30 4.91
C GLN A 11 -4.91 -2.60 5.46
N ALA A 12 -3.94 -1.78 5.08
CA ALA A 12 -2.60 -1.85 5.59
C ALA A 12 -1.85 -3.05 5.06
N LEU A 13 -0.66 -2.78 4.59
CA LEU A 13 0.17 -3.75 3.92
C LEU A 13 1.63 -3.38 4.12
N LYS A 14 2.45 -3.72 3.14
CA LYS A 14 3.86 -3.44 3.21
C LYS A 14 4.34 -2.89 1.88
N VAL A 15 5.22 -1.91 1.93
CA VAL A 15 5.82 -1.38 0.75
C VAL A 15 7.33 -1.43 0.87
N LYS A 16 7.96 -1.56 -0.26
CA LYS A 16 9.41 -1.64 -0.41
C LYS A 16 10.08 -0.30 -0.22
N ALA A 17 9.69 0.32 0.82
CA ALA A 17 10.10 1.69 1.13
C ALA A 17 11.58 1.75 1.48
N GLY A 18 12.37 2.23 0.53
CA GLY A 18 13.80 2.22 0.69
C GLY A 18 14.42 0.91 0.25
N GLN A 19 13.78 0.30 -0.76
CA GLN A 19 14.21 -0.99 -1.32
C GLN A 19 13.91 -2.14 -0.35
N ASN A 20 13.14 -1.83 0.68
CA ASN A 20 12.84 -2.80 1.73
C ASN A 20 11.36 -2.81 2.04
N ALA A 21 10.77 -3.98 2.10
CA ALA A 21 9.39 -4.09 2.51
C ALA A 21 9.27 -3.62 3.94
N MET A 22 8.53 -2.56 4.08
CA MET A 22 8.54 -1.76 5.28
C MET A 22 7.29 -2.01 6.10
N ASP A 23 6.22 -1.40 5.61
CA ASP A 23 4.88 -1.44 6.19
C ASP A 23 4.20 -0.15 5.82
N ALA A 24 2.93 -0.21 5.50
CA ALA A 24 2.23 0.97 5.12
C ALA A 24 0.72 0.79 5.26
N THR A 25 0.00 1.87 5.52
CA THR A 25 -1.42 1.76 5.79
C THR A 25 -2.24 2.54 4.79
N VAL A 26 -3.21 1.89 4.17
CA VAL A 26 -3.93 2.48 3.06
C VAL A 26 -4.71 3.73 3.43
N LEU A 27 -4.40 4.81 2.72
CA LEU A 27 -5.12 6.08 2.86
C LEU A 27 -6.09 6.25 1.70
N GLU A 28 -5.65 5.83 0.52
CA GLU A 28 -6.42 5.94 -0.68
C GLU A 28 -5.83 4.91 -1.61
N ILE A 29 -6.63 4.38 -2.49
CA ILE A 29 -6.21 3.26 -3.30
C ILE A 29 -6.13 3.59 -4.78
N THR A 30 -5.39 2.77 -5.53
CA THR A 30 -5.25 2.98 -6.96
C THR A 30 -5.93 1.86 -7.72
N LYS A 31 -5.59 1.72 -9.00
CA LYS A 31 -6.17 0.68 -9.85
C LYS A 31 -6.05 -0.68 -9.21
N ASP A 32 -4.94 -0.90 -8.54
CA ASP A 32 -4.64 -2.21 -7.99
C ASP A 32 -3.66 -2.04 -6.85
N GLY A 33 -2.93 -0.95 -6.90
CA GLY A 33 -2.02 -0.62 -5.86
C GLY A 33 -2.72 0.31 -4.94
N VAL A 34 -1.98 1.16 -4.29
CA VAL A 34 -2.57 2.05 -3.37
C VAL A 34 -1.81 3.35 -3.27
N ARG A 35 -2.28 4.17 -2.36
CA ARG A 35 -1.50 5.23 -1.77
C ARG A 35 -1.62 5.08 -0.28
N VAL A 36 -0.72 4.34 0.26
CA VAL A 36 -0.74 4.03 1.68
C VAL A 36 -0.06 5.10 2.48
N GLN A 37 -0.01 4.85 3.77
CA GLN A 37 0.74 5.65 4.69
C GLN A 37 2.00 4.90 5.03
N LEU A 38 3.11 5.36 4.51
CA LEU A 38 4.35 4.63 4.72
C LEU A 38 4.80 4.77 6.15
N ASN A 39 5.37 3.69 6.65
CA ASN A 39 5.91 3.65 8.00
C ASN A 39 7.10 4.59 8.08
N SER A 40 7.75 4.76 6.92
CA SER A 40 8.77 5.78 6.74
C SER A 40 8.12 7.16 6.80
N GLY A 41 6.80 7.16 6.65
CA GLY A 41 6.04 8.40 6.71
C GLY A 41 5.92 9.06 5.36
N MET A 42 5.90 8.26 4.31
CA MET A 42 5.87 8.79 2.95
C MET A 42 4.45 9.01 2.42
N SER A 43 3.73 7.91 2.31
CA SER A 43 2.41 7.85 1.69
C SER A 43 2.53 7.87 0.17
N LEU A 44 1.98 6.83 -0.46
CA LEU A 44 2.26 6.54 -1.87
C LEU A 44 1.97 5.10 -2.28
N ILE A 45 2.35 4.19 -1.39
CA ILE A 45 2.64 2.79 -1.72
C ILE A 45 3.21 2.60 -3.14
N VAL A 46 2.37 2.35 -4.15
CA VAL A 46 2.84 1.90 -5.46
C VAL A 46 1.72 1.16 -6.21
N ARG A 47 2.13 0.36 -7.16
CA ARG A 47 1.26 -0.47 -7.97
C ARG A 47 1.21 -1.87 -7.35
N ALA A 48 0.10 -2.56 -7.58
CA ALA A 48 -0.14 -3.85 -6.93
C ALA A 48 0.89 -4.90 -7.26
N GLU A 49 1.62 -4.71 -8.34
CA GLU A 49 2.60 -5.66 -8.77
C GLU A 49 3.97 -5.17 -8.38
N HIS A 50 3.97 -4.37 -7.32
CA HIS A 50 5.17 -3.81 -6.78
C HIS A 50 5.12 -3.83 -5.25
N LEU A 51 3.92 -3.91 -4.70
CA LEU A 51 3.73 -3.92 -3.27
C LEU A 51 3.61 -5.36 -2.77
N VAL A 52 3.57 -5.50 -1.47
CA VAL A 52 3.48 -6.82 -0.84
C VAL A 52 2.50 -6.85 0.34
N PHE A 53 1.22 -6.78 0.02
CA PHE A 53 0.17 -6.99 0.98
C PHE A 53 0.16 -8.43 1.49
N VAL A 1 -17.23 -8.31 -1.75
CA VAL A 1 -16.50 -7.03 -1.82
C VAL A 1 -15.64 -6.85 -0.57
N SER A 2 -14.41 -7.34 -0.62
CA SER A 2 -13.49 -7.19 0.49
C SER A 2 -12.31 -6.31 0.09
N ASP A 3 -12.49 -5.56 -0.98
CA ASP A 3 -11.46 -4.68 -1.49
C ASP A 3 -12.08 -3.62 -2.39
N ILE A 4 -11.34 -2.55 -2.58
CA ILE A 4 -11.67 -1.57 -3.59
C ILE A 4 -11.01 -1.99 -4.90
N SER A 5 -9.70 -2.15 -4.84
CA SER A 5 -8.92 -2.48 -5.99
C SER A 5 -8.50 -3.93 -5.95
N ALA A 6 -7.50 -4.16 -5.15
CA ALA A 6 -7.02 -5.44 -4.81
C ALA A 6 -7.02 -5.49 -3.30
N LEU A 7 -7.41 -4.33 -2.74
CA LEU A 7 -7.35 -4.12 -1.33
C LEU A 7 -8.25 -2.96 -0.94
N THR A 8 -8.25 -2.64 0.34
CA THR A 8 -9.06 -1.56 0.87
C THR A 8 -8.24 -0.54 1.66
N VAL A 9 -8.90 0.54 2.00
CA VAL A 9 -8.34 1.64 2.72
C VAL A 9 -8.37 1.35 4.19
N GLY A 10 -7.23 1.56 4.80
CA GLY A 10 -7.01 1.13 6.15
C GLY A 10 -6.66 -0.34 6.21
N GLN A 11 -6.33 -0.91 5.04
CA GLN A 11 -5.99 -2.33 4.98
C GLN A 11 -4.62 -2.55 5.58
N ALA A 12 -3.69 -1.72 5.16
CA ALA A 12 -2.32 -1.73 5.65
C ALA A 12 -1.55 -2.95 5.15
N LEU A 13 -0.45 -2.65 4.51
CA LEU A 13 0.34 -3.64 3.79
C LEU A 13 1.80 -3.17 3.63
N LYS A 14 2.50 -3.73 2.65
CA LYS A 14 3.91 -3.43 2.45
C LYS A 14 4.12 -2.58 1.21
N VAL A 15 5.05 -1.68 1.35
CA VAL A 15 5.45 -0.78 0.29
C VAL A 15 6.84 -1.11 -0.14
N LYS A 16 7.54 -1.55 0.86
CA LYS A 16 8.93 -1.90 0.80
C LYS A 16 9.75 -0.70 0.37
N ALA A 17 10.27 -0.04 1.38
CA ALA A 17 10.98 1.21 1.18
C ALA A 17 12.48 0.99 1.28
N GLY A 18 13.13 0.83 0.14
CA GLY A 18 14.57 0.62 0.13
C GLY A 18 14.93 -0.84 0.33
N GLN A 19 14.39 -1.70 -0.54
CA GLN A 19 14.67 -3.14 -0.52
C GLN A 19 13.98 -3.85 0.64
N ASN A 20 13.88 -3.19 1.77
CA ASN A 20 13.27 -3.77 2.96
C ASN A 20 11.82 -3.36 3.05
N ALA A 21 11.01 -4.12 3.78
CA ALA A 21 9.65 -3.71 4.04
C ALA A 21 9.64 -2.55 4.99
N MET A 22 8.47 -2.06 5.25
CA MET A 22 8.30 -0.80 5.94
C MET A 22 7.07 -0.83 6.81
N ASP A 23 5.99 -1.14 6.13
CA ASP A 23 4.66 -1.35 6.71
C ASP A 23 3.85 -0.09 6.59
N ALA A 24 2.92 -0.10 5.66
CA ALA A 24 2.27 1.09 5.23
C ALA A 24 0.76 0.92 5.29
N THR A 25 0.05 1.99 5.56
CA THR A 25 -1.37 1.88 5.83
C THR A 25 -2.21 2.60 4.79
N VAL A 26 -3.13 1.90 4.18
CA VAL A 26 -3.87 2.44 3.06
C VAL A 26 -4.68 3.67 3.42
N LEU A 27 -4.39 4.77 2.72
CA LEU A 27 -5.15 6.02 2.87
C LEU A 27 -6.11 6.18 1.71
N GLU A 28 -5.66 5.77 0.54
CA GLU A 28 -6.43 5.84 -0.66
C GLU A 28 -5.84 4.80 -1.57
N ILE A 29 -6.61 4.34 -2.50
CA ILE A 29 -6.19 3.23 -3.32
C ILE A 29 -6.10 3.58 -4.79
N THR A 30 -5.35 2.77 -5.54
CA THR A 30 -5.15 3.02 -6.95
C THR A 30 -5.83 1.95 -7.79
N LYS A 31 -5.43 1.84 -9.05
CA LYS A 31 -6.00 0.85 -9.96
C LYS A 31 -5.88 -0.56 -9.42
N ASP A 32 -4.84 -0.82 -8.63
CA ASP A 32 -4.58 -2.17 -8.17
C ASP A 32 -3.65 -2.09 -6.97
N GLY A 33 -2.91 -0.98 -6.93
CA GLY A 33 -2.04 -0.70 -5.83
C GLY A 33 -2.75 0.23 -4.94
N VAL A 34 -2.02 1.07 -4.26
CA VAL A 34 -2.62 1.94 -3.33
C VAL A 34 -1.87 3.25 -3.23
N ARG A 35 -2.33 4.05 -2.31
CA ARG A 35 -1.54 5.09 -1.71
C ARG A 35 -1.69 4.97 -0.22
N VAL A 36 -0.76 4.25 0.33
CA VAL A 36 -0.77 3.98 1.75
C VAL A 36 -0.07 5.07 2.48
N GLN A 37 -0.03 4.93 3.78
CA GLN A 37 0.74 5.79 4.60
C GLN A 37 2.02 5.08 4.94
N LEU A 38 3.12 5.60 4.46
CA LEU A 38 4.37 4.92 4.66
C LEU A 38 4.80 5.06 6.09
N ASN A 39 5.42 4.02 6.61
CA ASN A 39 5.93 4.03 7.97
C ASN A 39 7.08 5.02 8.06
N SER A 40 7.67 5.28 6.91
CA SER A 40 8.60 6.39 6.75
C SER A 40 7.86 7.70 6.89
N GLY A 41 6.54 7.63 6.76
CA GLY A 41 5.70 8.80 6.85
C GLY A 41 5.59 9.49 5.51
N MET A 42 5.62 8.70 4.44
CA MET A 42 5.69 9.26 3.11
C MET A 42 4.34 9.24 2.40
N SER A 43 3.74 8.07 2.32
CA SER A 43 2.40 7.88 1.75
C SER A 43 2.43 7.89 0.23
N LEU A 44 1.89 6.82 -0.37
CA LEU A 44 2.06 6.54 -1.81
C LEU A 44 1.83 5.07 -2.18
N ILE A 45 2.27 4.19 -1.31
CA ILE A 45 2.59 2.79 -1.62
C ILE A 45 3.17 2.60 -3.03
N VAL A 46 2.35 2.29 -4.04
CA VAL A 46 2.86 1.77 -5.31
C VAL A 46 1.73 1.09 -6.09
N ARG A 47 2.14 0.17 -6.93
CA ARG A 47 1.23 -0.61 -7.75
C ARG A 47 1.18 -2.02 -7.21
N ALA A 48 0.13 -2.72 -7.56
CA ALA A 48 -0.17 -4.01 -6.95
C ALA A 48 0.86 -5.07 -7.25
N GLU A 49 1.69 -4.84 -8.24
CA GLU A 49 2.70 -5.79 -8.62
C GLU A 49 4.03 -5.39 -8.04
N HIS A 50 3.94 -4.72 -6.92
CA HIS A 50 5.10 -4.33 -6.18
C HIS A 50 4.85 -4.58 -4.69
N LEU A 51 3.59 -4.44 -4.28
CA LEU A 51 3.22 -4.60 -2.90
C LEU A 51 2.94 -6.06 -2.61
N VAL A 52 3.10 -6.45 -1.36
CA VAL A 52 2.91 -7.85 -0.99
C VAL A 52 1.95 -8.02 0.17
N PHE A 53 0.86 -7.33 0.05
CA PHE A 53 -0.25 -7.42 0.97
C PHE A 53 -0.78 -8.85 1.10
N VAL A 1 -15.33 -9.41 -5.44
CA VAL A 1 -14.50 -8.25 -5.00
C VAL A 1 -15.00 -7.73 -3.66
N SER A 2 -14.31 -8.11 -2.60
CA SER A 2 -14.67 -7.69 -1.26
C SER A 2 -13.76 -6.56 -0.80
N ASP A 3 -13.05 -5.99 -1.77
CA ASP A 3 -12.14 -4.89 -1.50
C ASP A 3 -12.43 -3.78 -2.50
N ILE A 4 -11.56 -2.79 -2.55
CA ILE A 4 -11.70 -1.75 -3.54
C ILE A 4 -11.04 -2.17 -4.84
N SER A 5 -9.72 -2.18 -4.83
CA SER A 5 -8.94 -2.52 -5.99
C SER A 5 -8.50 -3.96 -5.94
N ALA A 6 -7.47 -4.16 -5.18
CA ALA A 6 -6.97 -5.45 -4.83
C ALA A 6 -7.01 -5.49 -3.32
N LEU A 7 -7.42 -4.33 -2.77
CA LEU A 7 -7.40 -4.12 -1.35
C LEU A 7 -8.34 -2.99 -0.97
N THR A 8 -8.31 -2.65 0.30
CA THR A 8 -9.11 -1.57 0.84
C THR A 8 -8.28 -0.57 1.64
N VAL A 9 -8.94 0.53 1.99
CA VAL A 9 -8.38 1.62 2.73
C VAL A 9 -8.38 1.28 4.20
N GLY A 10 -7.26 1.53 4.81
CA GLY A 10 -7.03 1.10 6.16
C GLY A 10 -6.67 -0.37 6.20
N GLN A 11 -6.35 -0.93 5.03
CA GLN A 11 -6.01 -2.35 4.97
C GLN A 11 -4.64 -2.58 5.57
N ALA A 12 -3.70 -1.77 5.12
CA ALA A 12 -2.32 -1.80 5.58
C ALA A 12 -1.54 -2.98 5.03
N LEU A 13 -0.42 -2.67 4.43
CA LEU A 13 0.41 -3.64 3.71
C LEU A 13 1.86 -3.18 3.68
N LYS A 14 2.57 -3.56 2.64
CA LYS A 14 3.97 -3.26 2.49
C LYS A 14 4.26 -2.51 1.21
N VAL A 15 5.24 -1.64 1.32
CA VAL A 15 5.90 -1.08 0.18
C VAL A 15 7.40 -1.18 0.40
N LYS A 16 8.13 -1.38 -0.64
CA LYS A 16 9.57 -1.41 -0.60
C LYS A 16 10.08 -0.09 -1.13
N ALA A 17 10.35 0.79 -0.22
CA ALA A 17 10.76 2.14 -0.57
C ALA A 17 12.27 2.23 -0.55
N GLY A 18 12.89 1.64 -1.56
CA GLY A 18 14.32 1.56 -1.62
C GLY A 18 14.78 0.12 -1.64
N GLN A 19 15.47 -0.29 -0.60
CA GLN A 19 15.93 -1.66 -0.47
C GLN A 19 15.00 -2.46 0.44
N ASN A 20 14.31 -1.74 1.31
CA ASN A 20 13.53 -2.36 2.38
C ASN A 20 12.04 -2.16 2.18
N ALA A 21 11.26 -3.13 2.64
CA ALA A 21 9.85 -2.96 2.80
C ALA A 21 9.64 -2.11 4.02
N MET A 22 8.57 -1.39 3.98
CA MET A 22 8.36 -0.27 4.87
C MET A 22 7.32 -0.61 5.90
N ASP A 23 6.16 -0.93 5.35
CA ASP A 23 4.95 -1.28 6.07
C ASP A 23 4.11 -0.03 6.19
N ALA A 24 3.02 -0.03 5.46
CA ALA A 24 2.32 1.17 5.16
C ALA A 24 0.82 0.95 5.23
N THR A 25 0.06 1.99 5.52
CA THR A 25 -1.34 1.83 5.79
C THR A 25 -2.19 2.59 4.78
N VAL A 26 -3.15 1.90 4.20
CA VAL A 26 -3.89 2.45 3.08
C VAL A 26 -4.71 3.67 3.45
N LEU A 27 -4.44 4.77 2.76
CA LEU A 27 -5.22 6.01 2.90
C LEU A 27 -6.15 6.16 1.72
N GLU A 28 -5.63 5.81 0.56
CA GLU A 28 -6.32 5.92 -0.69
C GLU A 28 -5.79 4.80 -1.52
N ILE A 29 -6.54 4.37 -2.48
CA ILE A 29 -6.15 3.25 -3.29
C ILE A 29 -6.04 3.61 -4.76
N THR A 30 -5.33 2.78 -5.51
CA THR A 30 -5.17 3.01 -6.94
C THR A 30 -5.90 1.93 -7.73
N LYS A 31 -5.58 1.80 -9.00
CA LYS A 31 -6.20 0.80 -9.85
C LYS A 31 -6.01 -0.62 -9.34
N ASP A 32 -4.93 -0.86 -8.60
CA ASP A 32 -4.61 -2.20 -8.16
C ASP A 32 -3.68 -2.10 -6.97
N GLY A 33 -2.94 -1.00 -6.94
CA GLY A 33 -2.04 -0.71 -5.86
C GLY A 33 -2.74 0.19 -4.92
N VAL A 34 -2.00 1.01 -4.23
CA VAL A 34 -2.60 1.87 -3.30
C VAL A 34 -1.87 3.19 -3.22
N ARG A 35 -2.31 4.00 -2.29
CA ARG A 35 -1.58 5.16 -1.82
C ARG A 35 -1.65 5.14 -0.32
N VAL A 36 -0.78 4.35 0.25
CA VAL A 36 -0.78 4.09 1.68
C VAL A 36 -0.10 5.19 2.46
N GLN A 37 -0.02 4.99 3.75
CA GLN A 37 0.76 5.82 4.62
C GLN A 37 2.00 5.08 4.98
N LEU A 38 3.14 5.58 4.59
CA LEU A 38 4.36 4.84 4.82
C LEU A 38 4.80 4.92 6.24
N ASN A 39 5.46 3.87 6.68
CA ASN A 39 6.05 3.81 8.00
C ASN A 39 6.93 5.04 8.21
N SER A 40 7.71 5.37 7.17
CA SER A 40 8.51 6.59 7.16
C SER A 40 7.64 7.84 7.11
N GLY A 41 6.35 7.65 6.86
CA GLY A 41 5.44 8.78 6.76
C GLY A 41 5.47 9.40 5.39
N MET A 42 5.65 8.57 4.37
CA MET A 42 5.77 9.06 3.01
C MET A 42 4.40 9.25 2.37
N SER A 43 3.66 8.16 2.39
CA SER A 43 2.34 8.03 1.77
C SER A 43 2.45 8.00 0.27
N LEU A 44 1.97 6.90 -0.31
CA LEU A 44 2.22 6.60 -1.74
C LEU A 44 1.89 5.15 -2.15
N ILE A 45 2.28 4.22 -1.29
CA ILE A 45 2.57 2.83 -1.66
C ILE A 45 3.15 2.68 -3.09
N VAL A 46 2.35 2.30 -4.08
CA VAL A 46 2.89 1.75 -5.32
C VAL A 46 1.79 1.02 -6.09
N ARG A 47 2.21 0.07 -6.90
CA ARG A 47 1.33 -0.71 -7.74
C ARG A 47 1.21 -2.09 -7.15
N ALA A 48 0.08 -2.73 -7.41
CA ALA A 48 -0.33 -3.96 -6.72
C ALA A 48 0.73 -5.05 -6.73
N GLU A 49 1.63 -5.00 -7.69
CA GLU A 49 2.62 -6.05 -7.85
C GLU A 49 3.89 -5.66 -7.13
N HIS A 50 3.69 -4.84 -6.13
CA HIS A 50 4.77 -4.38 -5.33
C HIS A 50 4.35 -4.36 -3.86
N LEU A 51 3.05 -4.35 -3.60
CA LEU A 51 2.52 -4.51 -2.29
C LEU A 51 2.47 -5.99 -1.93
N VAL A 52 2.70 -6.30 -0.67
CA VAL A 52 2.49 -7.66 -0.20
C VAL A 52 1.47 -7.70 0.95
N PHE A 53 0.25 -7.38 0.62
CA PHE A 53 -0.87 -7.53 1.51
C PHE A 53 -1.09 -9.01 1.83
N VAL A 1 -10.72 -9.31 0.97
CA VAL A 1 -12.19 -9.21 1.06
C VAL A 1 -12.60 -7.76 1.29
N SER A 2 -13.78 -7.40 0.76
CA SER A 2 -14.28 -6.03 0.77
C SER A 2 -13.24 -5.07 0.19
N ASP A 3 -12.43 -5.59 -0.73
CA ASP A 3 -11.37 -4.82 -1.34
C ASP A 3 -11.94 -3.89 -2.37
N ILE A 4 -11.41 -2.69 -2.39
CA ILE A 4 -11.77 -1.72 -3.38
C ILE A 4 -11.20 -2.14 -4.72
N SER A 5 -9.88 -2.21 -4.78
CA SER A 5 -9.21 -2.66 -5.95
C SER A 5 -8.61 -4.04 -5.74
N ALA A 6 -7.47 -4.08 -5.07
CA ALA A 6 -6.83 -5.32 -4.75
C ALA A 6 -6.80 -5.43 -3.25
N LEU A 7 -7.34 -4.38 -2.64
CA LEU A 7 -7.28 -4.16 -1.23
C LEU A 7 -8.22 -3.03 -0.85
N THR A 8 -8.23 -2.71 0.42
CA THR A 8 -9.06 -1.64 0.95
C THR A 8 -8.24 -0.57 1.69
N VAL A 9 -8.94 0.49 2.04
CA VAL A 9 -8.39 1.61 2.75
C VAL A 9 -8.41 1.31 4.22
N GLY A 10 -7.33 1.63 4.86
CA GLY A 10 -7.10 1.21 6.21
C GLY A 10 -6.84 -0.28 6.27
N GLN A 11 -6.47 -0.84 5.10
CA GLN A 11 -6.14 -2.26 5.04
C GLN A 11 -4.83 -2.48 5.72
N ALA A 12 -3.86 -1.70 5.25
CA ALA A 12 -2.51 -1.73 5.76
C ALA A 12 -1.77 -2.98 5.30
N LEU A 13 -0.64 -2.73 4.72
CA LEU A 13 0.19 -3.74 4.09
C LEU A 13 1.64 -3.35 4.25
N LYS A 14 2.44 -3.78 3.32
CA LYS A 14 3.82 -3.39 3.27
C LYS A 14 4.16 -2.89 1.88
N VAL A 15 5.08 -1.96 1.85
CA VAL A 15 5.33 -1.19 0.64
C VAL A 15 6.49 -1.75 -0.15
N LYS A 16 7.41 -2.28 0.60
CA LYS A 16 8.68 -2.72 0.09
C LYS A 16 9.43 -1.56 -0.53
N ALA A 17 10.29 -0.99 0.26
CA ALA A 17 11.01 0.22 -0.09
C ALA A 17 12.49 0.05 0.14
N GLY A 18 13.27 0.07 -0.93
CA GLY A 18 14.70 -0.10 -0.81
C GLY A 18 15.08 -1.53 -0.53
N GLN A 19 14.49 -2.45 -1.30
CA GLN A 19 14.77 -3.88 -1.22
C GLN A 19 14.13 -4.55 0.00
N ASN A 20 13.89 -3.76 1.04
CA ASN A 20 13.33 -4.29 2.28
C ASN A 20 11.87 -3.87 2.44
N ALA A 21 11.09 -4.70 3.12
CA ALA A 21 9.74 -4.37 3.47
C ALA A 21 9.76 -3.43 4.64
N MET A 22 8.75 -2.61 4.73
CA MET A 22 8.76 -1.49 5.64
C MET A 22 7.50 -1.55 6.48
N ASP A 23 6.42 -1.07 5.87
CA ASP A 23 5.06 -1.18 6.36
C ASP A 23 4.31 0.02 5.84
N ALA A 24 3.04 -0.11 5.53
CA ALA A 24 2.30 1.03 5.07
C ALA A 24 0.80 0.85 5.26
N THR A 25 0.09 1.94 5.49
CA THR A 25 -1.33 1.85 5.78
C THR A 25 -2.19 2.59 4.76
N VAL A 26 -3.16 1.89 4.20
CA VAL A 26 -3.89 2.43 3.07
C VAL A 26 -4.71 3.65 3.42
N LEU A 27 -4.42 4.75 2.73
CA LEU A 27 -5.17 5.99 2.87
C LEU A 27 -6.15 6.14 1.70
N GLU A 28 -5.70 5.74 0.54
CA GLU A 28 -6.46 5.83 -0.67
C GLU A 28 -5.87 4.80 -1.59
N ILE A 29 -6.65 4.27 -2.48
CA ILE A 29 -6.21 3.17 -3.30
C ILE A 29 -6.13 3.52 -4.78
N THR A 30 -5.39 2.72 -5.52
CA THR A 30 -5.28 2.94 -6.95
C THR A 30 -5.95 1.79 -7.67
N LYS A 31 -5.81 1.71 -8.97
CA LYS A 31 -6.45 0.65 -9.74
C LYS A 31 -6.07 -0.75 -9.25
N ASP A 32 -4.89 -0.87 -8.66
CA ASP A 32 -4.40 -2.15 -8.25
C ASP A 32 -3.51 -1.97 -7.04
N GLY A 33 -2.83 -0.84 -7.03
CA GLY A 33 -1.96 -0.52 -5.94
C GLY A 33 -2.68 0.38 -5.03
N VAL A 34 -1.97 1.20 -4.32
CA VAL A 34 -2.59 2.02 -3.37
C VAL A 34 -1.85 3.35 -3.25
N ARG A 35 -2.32 4.16 -2.33
CA ARG A 35 -1.56 5.22 -1.75
C ARG A 35 -1.67 5.06 -0.26
N VAL A 36 -0.79 4.28 0.26
CA VAL A 36 -0.79 4.00 1.67
C VAL A 36 -0.08 5.09 2.42
N GLN A 37 0.03 4.89 3.71
CA GLN A 37 0.86 5.68 4.53
C GLN A 37 2.10 4.89 4.85
N LEU A 38 3.25 5.35 4.39
CA LEU A 38 4.47 4.58 4.59
C LEU A 38 4.96 4.71 6.00
N ASN A 39 5.49 3.62 6.49
CA ASN A 39 6.07 3.57 7.83
C ASN A 39 7.28 4.48 7.88
N SER A 40 7.91 4.63 6.72
CA SER A 40 8.94 5.61 6.51
C SER A 40 8.36 7.01 6.62
N GLY A 41 7.04 7.08 6.50
CA GLY A 41 6.32 8.33 6.58
C GLY A 41 6.13 8.97 5.23
N MET A 42 6.11 8.16 4.18
CA MET A 42 6.03 8.70 2.82
C MET A 42 4.59 8.90 2.36
N SER A 43 3.87 7.79 2.28
CA SER A 43 2.50 7.75 1.76
C SER A 43 2.49 7.87 0.25
N LEU A 44 1.91 6.86 -0.39
CA LEU A 44 2.13 6.60 -1.82
C LEU A 44 1.87 5.15 -2.24
N ILE A 45 2.26 4.24 -1.36
CA ILE A 45 2.59 2.86 -1.67
C ILE A 45 3.20 2.68 -3.07
N VAL A 46 2.40 2.38 -4.10
CA VAL A 46 2.93 1.85 -5.35
C VAL A 46 1.82 1.15 -6.14
N ARG A 47 2.25 0.18 -6.93
CA ARG A 47 1.37 -0.63 -7.74
C ARG A 47 1.24 -2.00 -7.12
N ALA A 48 0.24 -2.72 -7.57
CA ALA A 48 -0.14 -3.99 -6.96
C ALA A 48 0.89 -5.07 -7.20
N GLU A 49 1.74 -4.86 -8.18
CA GLU A 49 2.73 -5.83 -8.53
C GLU A 49 4.08 -5.43 -7.96
N HIS A 50 3.99 -4.71 -6.86
CA HIS A 50 5.13 -4.30 -6.12
C HIS A 50 4.86 -4.49 -4.64
N LEU A 51 3.61 -4.28 -4.25
CA LEU A 51 3.25 -4.24 -2.86
C LEU A 51 3.02 -5.65 -2.32
N VAL A 52 3.13 -5.78 -1.03
CA VAL A 52 2.99 -7.07 -0.37
C VAL A 52 1.99 -7.06 0.78
N PHE A 53 0.71 -6.97 0.43
CA PHE A 53 -0.37 -7.25 1.35
C PHE A 53 -0.44 -8.74 1.67
N VAL A 1 -17.20 -7.43 -2.01
CA VAL A 1 -15.83 -6.97 -2.27
C VAL A 1 -15.08 -6.72 -0.97
N SER A 2 -14.06 -7.53 -0.72
CA SER A 2 -13.20 -7.34 0.43
C SER A 2 -12.01 -6.46 0.03
N ASP A 3 -12.17 -5.81 -1.11
CA ASP A 3 -11.14 -4.97 -1.68
C ASP A 3 -11.76 -3.96 -2.62
N ILE A 4 -11.15 -2.80 -2.69
CA ILE A 4 -11.50 -1.80 -3.66
C ILE A 4 -10.79 -2.12 -4.96
N SER A 5 -9.47 -2.22 -4.87
CA SER A 5 -8.65 -2.51 -6.00
C SER A 5 -8.23 -3.96 -5.99
N ALA A 6 -7.19 -4.18 -5.22
CA ALA A 6 -6.71 -5.48 -4.89
C ALA A 6 -6.74 -5.53 -3.38
N LEU A 7 -7.14 -4.38 -2.81
CA LEU A 7 -7.15 -4.17 -1.39
C LEU A 7 -8.09 -3.04 -1.03
N THR A 8 -8.12 -2.73 0.25
CA THR A 8 -8.97 -1.66 0.79
C THR A 8 -8.19 -0.63 1.60
N VAL A 9 -8.89 0.44 1.93
CA VAL A 9 -8.37 1.54 2.70
C VAL A 9 -8.39 1.18 4.16
N GLY A 10 -7.30 1.49 4.79
CA GLY A 10 -7.08 1.05 6.14
C GLY A 10 -6.70 -0.42 6.16
N GLN A 11 -6.32 -0.96 5.00
CA GLN A 11 -5.93 -2.36 4.92
C GLN A 11 -4.57 -2.54 5.55
N ALA A 12 -3.66 -1.68 5.13
CA ALA A 12 -2.28 -1.67 5.59
C ALA A 12 -1.50 -2.87 5.07
N LEU A 13 -0.40 -2.55 4.42
CA LEU A 13 0.42 -3.54 3.72
C LEU A 13 1.88 -3.10 3.70
N LYS A 14 2.59 -3.56 2.68
CA LYS A 14 4.00 -3.30 2.52
C LYS A 14 4.25 -2.47 1.29
N VAL A 15 5.17 -1.55 1.44
CA VAL A 15 5.56 -0.63 0.39
C VAL A 15 6.98 -0.92 -0.04
N LYS A 16 7.70 -1.36 0.93
CA LYS A 16 9.14 -1.46 0.91
C LYS A 16 9.75 -0.08 0.75
N ALA A 17 10.34 0.39 1.82
CA ALA A 17 10.95 1.71 1.83
C ALA A 17 12.42 1.60 2.21
N GLY A 18 13.27 1.42 1.20
CA GLY A 18 14.70 1.30 1.44
C GLY A 18 15.19 -0.12 1.24
N GLN A 19 14.82 -0.72 0.10
CA GLN A 19 15.23 -2.09 -0.25
C GLN A 19 14.67 -3.14 0.71
N ASN A 20 13.87 -2.68 1.66
CA ASN A 20 13.29 -3.55 2.67
C ASN A 20 11.85 -3.15 2.89
N ALA A 21 11.05 -4.04 3.48
CA ALA A 21 9.69 -3.71 3.80
C ALA A 21 9.67 -2.69 4.92
N MET A 22 8.50 -2.20 5.20
CA MET A 22 8.36 -1.03 6.05
C MET A 22 7.08 -1.10 6.85
N ASP A 23 6.02 -1.17 6.08
CA ASP A 23 4.63 -1.30 6.53
C ASP A 23 3.92 0.02 6.38
N ALA A 24 2.92 0.03 5.54
CA ALA A 24 2.28 1.26 5.17
C ALA A 24 0.77 1.07 5.17
N THR A 25 0.03 2.10 5.52
CA THR A 25 -1.37 1.95 5.78
C THR A 25 -2.21 2.67 4.74
N VAL A 26 -3.18 1.96 4.19
CA VAL A 26 -3.92 2.48 3.07
C VAL A 26 -4.76 3.70 3.44
N LEU A 27 -4.48 4.81 2.77
CA LEU A 27 -5.24 6.03 2.92
C LEU A 27 -6.20 6.19 1.75
N GLU A 28 -5.71 5.85 0.58
CA GLU A 28 -6.43 5.95 -0.64
C GLU A 28 -5.89 4.86 -1.51
N ILE A 29 -6.65 4.42 -2.45
CA ILE A 29 -6.25 3.31 -3.27
C ILE A 29 -6.17 3.68 -4.75
N THR A 30 -5.45 2.86 -5.50
CA THR A 30 -5.29 3.09 -6.93
C THR A 30 -5.97 1.98 -7.70
N LYS A 31 -5.70 1.90 -8.99
CA LYS A 31 -6.36 0.94 -9.85
C LYS A 31 -6.14 -0.49 -9.38
N ASP A 32 -5.02 -0.72 -8.71
CA ASP A 32 -4.64 -2.06 -8.33
C ASP A 32 -3.83 -1.96 -7.05
N GLY A 33 -3.05 -0.89 -6.98
CA GLY A 33 -2.18 -0.65 -5.86
C GLY A 33 -2.87 0.25 -4.91
N VAL A 34 -2.13 1.07 -4.25
CA VAL A 34 -2.70 1.95 -3.31
C VAL A 34 -1.99 3.29 -3.27
N ARG A 35 -2.37 4.07 -2.30
CA ARG A 35 -1.60 5.20 -1.83
C ARG A 35 -1.65 5.18 -0.32
N VAL A 36 -0.80 4.38 0.27
CA VAL A 36 -0.79 4.18 1.71
C VAL A 36 -0.05 5.26 2.45
N GLN A 37 0.01 5.07 3.75
CA GLN A 37 0.78 5.90 4.62
C GLN A 37 1.99 5.14 5.06
N LEU A 38 3.15 5.59 4.66
CA LEU A 38 4.37 4.87 4.96
C LEU A 38 4.75 4.99 6.41
N ASN A 39 5.32 3.90 6.90
CA ASN A 39 5.82 3.82 8.27
C ASN A 39 6.99 4.77 8.42
N SER A 40 7.67 4.98 7.30
CA SER A 40 8.67 6.02 7.19
C SER A 40 8.04 7.39 7.40
N GLY A 41 6.71 7.42 7.25
CA GLY A 41 5.99 8.64 7.44
C GLY A 41 5.63 9.31 6.14
N MET A 42 5.61 8.53 5.05
CA MET A 42 5.31 9.08 3.76
C MET A 42 3.93 8.59 3.37
N SER A 43 3.59 8.68 2.11
CA SER A 43 2.36 8.17 1.59
C SER A 43 2.52 7.95 0.11
N LEU A 44 2.17 6.76 -0.34
CA LEU A 44 2.51 6.32 -1.70
C LEU A 44 2.06 4.90 -2.04
N ILE A 45 2.49 3.96 -1.21
CA ILE A 45 2.53 2.55 -1.54
C ILE A 45 3.19 2.27 -2.92
N VAL A 46 2.41 2.06 -3.97
CA VAL A 46 2.90 1.54 -5.24
C VAL A 46 1.75 0.88 -6.01
N ARG A 47 2.10 0.03 -6.94
CA ARG A 47 1.16 -0.74 -7.70
C ARG A 47 1.03 -2.13 -7.08
N ALA A 48 -0.03 -2.82 -7.45
CA ALA A 48 -0.43 -4.02 -6.74
C ALA A 48 0.49 -5.18 -6.99
N GLU A 49 1.31 -5.05 -8.00
CA GLU A 49 2.28 -6.08 -8.30
C GLU A 49 3.62 -5.68 -7.74
N HIS A 50 3.54 -4.92 -6.69
CA HIS A 50 4.69 -4.47 -5.97
C HIS A 50 4.47 -4.60 -4.47
N LEU A 51 3.21 -4.47 -4.05
CA LEU A 51 2.85 -4.51 -2.66
C LEU A 51 2.54 -5.94 -2.22
N VAL A 52 2.69 -6.20 -0.94
CA VAL A 52 2.28 -7.47 -0.37
C VAL A 52 1.40 -7.29 0.86
N PHE A 53 0.10 -7.18 0.62
CA PHE A 53 -0.89 -7.19 1.68
C PHE A 53 -1.00 -8.56 2.30
N VAL A 1 -10.27 -9.38 -3.80
CA VAL A 1 -11.72 -9.55 -4.04
C VAL A 1 -12.50 -9.20 -2.78
N SER A 2 -13.63 -8.52 -2.96
CA SER A 2 -14.42 -7.97 -1.86
C SER A 2 -13.68 -6.81 -1.23
N ASP A 3 -12.86 -6.15 -2.04
CA ASP A 3 -12.06 -5.02 -1.60
C ASP A 3 -12.42 -3.81 -2.45
N ILE A 4 -11.56 -2.82 -2.47
CA ILE A 4 -11.73 -1.70 -3.37
C ILE A 4 -11.08 -2.02 -4.71
N SER A 5 -9.78 -2.23 -4.66
CA SER A 5 -9.03 -2.52 -5.86
C SER A 5 -8.41 -3.91 -5.78
N ALA A 6 -7.34 -4.01 -5.03
CA ALA A 6 -6.74 -5.30 -4.71
C ALA A 6 -6.78 -5.45 -3.22
N LEU A 7 -7.29 -4.39 -2.62
CA LEU A 7 -7.28 -4.18 -1.20
C LEU A 7 -8.25 -3.07 -0.84
N THR A 8 -8.26 -2.73 0.43
CA THR A 8 -9.07 -1.64 0.95
C THR A 8 -8.27 -0.60 1.71
N VAL A 9 -8.94 0.48 2.06
CA VAL A 9 -8.38 1.60 2.77
C VAL A 9 -8.37 1.29 4.24
N GLY A 10 -7.27 1.60 4.85
CA GLY A 10 -7.03 1.19 6.21
C GLY A 10 -6.71 -0.28 6.27
N GLN A 11 -6.41 -0.87 5.11
CA GLN A 11 -6.10 -2.29 5.06
C GLN A 11 -4.78 -2.53 5.72
N ALA A 12 -3.82 -1.73 5.28
CA ALA A 12 -2.46 -1.76 5.77
C ALA A 12 -1.71 -2.98 5.27
N LEU A 13 -0.56 -2.70 4.70
CA LEU A 13 0.27 -3.69 4.05
C LEU A 13 1.72 -3.28 4.19
N LYS A 14 2.52 -3.64 3.22
CA LYS A 14 3.91 -3.29 3.22
C LYS A 14 4.37 -2.80 1.87
N VAL A 15 5.32 -1.91 1.92
CA VAL A 15 5.98 -1.38 0.76
C VAL A 15 7.47 -1.68 0.87
N LYS A 16 8.11 -1.82 -0.25
CA LYS A 16 9.53 -2.13 -0.29
C LYS A 16 10.31 -0.84 -0.37
N ALA A 17 10.57 -0.26 0.77
CA ALA A 17 11.20 1.05 0.82
C ALA A 17 12.67 0.91 1.18
N GLY A 18 13.48 0.63 0.17
CA GLY A 18 14.89 0.41 0.39
C GLY A 18 15.24 -1.05 0.32
N GLN A 19 14.75 -1.72 -0.73
CA GLN A 19 15.01 -3.15 -0.98
C GLN A 19 14.20 -4.06 -0.05
N ASN A 20 13.75 -3.50 1.06
CA ASN A 20 13.02 -4.26 2.06
C ASN A 20 11.61 -3.74 2.23
N ALA A 21 10.66 -4.65 2.44
CA ALA A 21 9.30 -4.26 2.76
C ALA A 21 9.31 -3.66 4.14
N MET A 22 8.64 -2.54 4.25
CA MET A 22 8.73 -1.69 5.41
C MET A 22 7.45 -1.82 6.20
N ASP A 23 6.44 -1.12 5.73
CA ASP A 23 5.07 -1.21 6.20
C ASP A 23 4.34 0.04 5.74
N ALA A 24 3.05 -0.05 5.49
CA ALA A 24 2.31 1.11 5.07
C ALA A 24 0.81 0.90 5.24
N THR A 25 0.08 1.99 5.49
CA THR A 25 -1.34 1.87 5.79
C THR A 25 -2.20 2.60 4.77
N VAL A 26 -3.15 1.91 4.19
CA VAL A 26 -3.89 2.44 3.07
C VAL A 26 -4.70 3.69 3.41
N LEU A 27 -4.43 4.76 2.66
CA LEU A 27 -5.19 6.01 2.80
C LEU A 27 -6.16 6.17 1.64
N GLU A 28 -5.74 5.69 0.47
CA GLU A 28 -6.50 5.79 -0.73
C GLU A 28 -5.91 4.76 -1.67
N ILE A 29 -6.70 4.20 -2.53
CA ILE A 29 -6.26 3.08 -3.35
C ILE A 29 -6.20 3.42 -4.83
N THR A 30 -5.38 2.69 -5.57
CA THR A 30 -5.15 3.01 -6.99
C THR A 30 -5.72 1.94 -7.92
N LYS A 31 -5.23 1.96 -9.15
CA LYS A 31 -5.60 1.00 -10.19
C LYS A 31 -5.64 -0.41 -9.66
N ASP A 32 -4.70 -0.71 -8.78
CA ASP A 32 -4.55 -2.05 -8.24
C ASP A 32 -3.71 -1.95 -6.99
N GLY A 33 -2.88 -0.91 -6.96
CA GLY A 33 -2.04 -0.66 -5.83
C GLY A 33 -2.75 0.27 -4.94
N VAL A 34 -2.01 1.06 -4.23
CA VAL A 34 -2.60 1.93 -3.29
C VAL A 34 -1.85 3.24 -3.22
N ARG A 35 -2.31 4.09 -2.34
CA ARG A 35 -1.56 5.20 -1.84
C ARG A 35 -1.62 5.14 -0.34
N VAL A 36 -0.77 4.33 0.21
CA VAL A 36 -0.78 4.05 1.63
C VAL A 36 -0.10 5.13 2.41
N GLN A 37 -0.02 4.90 3.70
CA GLN A 37 0.75 5.72 4.58
C GLN A 37 2.00 4.96 4.95
N LEU A 38 3.14 5.41 4.46
CA LEU A 38 4.35 4.64 4.64
C LEU A 38 4.84 4.73 6.05
N ASN A 39 5.30 3.59 6.53
CA ASN A 39 5.93 3.51 7.82
C ASN A 39 7.31 4.14 7.69
N SER A 40 7.73 4.22 6.43
CA SER A 40 8.84 5.04 6.01
C SER A 40 8.56 6.50 6.34
N GLY A 41 7.27 6.77 6.48
CA GLY A 41 6.79 8.11 6.74
C GLY A 41 6.55 8.88 5.46
N MET A 42 6.17 8.17 4.41
CA MET A 42 6.06 8.80 3.08
C MET A 42 4.61 8.97 2.66
N SER A 43 3.94 7.84 2.49
CA SER A 43 2.59 7.75 1.94
C SER A 43 2.62 7.84 0.43
N LEU A 44 2.08 6.80 -0.21
CA LEU A 44 2.28 6.58 -1.66
C LEU A 44 1.96 5.13 -2.12
N ILE A 45 2.39 4.18 -1.30
CA ILE A 45 2.64 2.79 -1.70
C ILE A 45 3.18 2.64 -3.15
N VAL A 46 2.32 2.32 -4.13
CA VAL A 46 2.77 1.85 -5.44
C VAL A 46 1.63 1.11 -6.15
N ARG A 47 2.00 0.25 -7.08
CA ARG A 47 1.08 -0.57 -7.80
C ARG A 47 1.09 -1.97 -7.22
N ALA A 48 0.03 -2.72 -7.49
CA ALA A 48 -0.26 -3.93 -6.75
C ALA A 48 0.72 -5.04 -7.02
N GLU A 49 1.45 -4.93 -8.10
CA GLU A 49 2.40 -5.97 -8.47
C GLU A 49 3.78 -5.55 -8.06
N HIS A 50 3.82 -4.68 -7.08
CA HIS A 50 5.03 -4.14 -6.60
C HIS A 50 4.98 -4.07 -5.07
N LEU A 51 3.77 -4.02 -4.53
CA LEU A 51 3.57 -3.96 -3.12
C LEU A 51 3.39 -5.36 -2.54
N VAL A 52 3.46 -5.46 -1.24
CA VAL A 52 3.25 -6.72 -0.56
C VAL A 52 2.26 -6.64 0.61
N PHE A 53 0.98 -6.71 0.28
CA PHE A 53 -0.03 -7.04 1.25
C PHE A 53 0.10 -8.50 1.67
N VAL A 1 -10.10 -10.99 -2.42
CA VAL A 1 -11.30 -10.33 -2.96
C VAL A 1 -12.09 -9.66 -1.84
N SER A 2 -13.21 -9.03 -2.20
CA SER A 2 -14.05 -8.32 -1.25
C SER A 2 -13.34 -7.04 -0.79
N ASP A 3 -12.51 -6.50 -1.68
CA ASP A 3 -11.77 -5.29 -1.40
C ASP A 3 -12.11 -4.24 -2.44
N ILE A 4 -11.38 -3.14 -2.46
CA ILE A 4 -11.61 -2.10 -3.44
C ILE A 4 -10.98 -2.48 -4.77
N SER A 5 -9.68 -2.27 -4.89
CA SER A 5 -8.96 -2.60 -6.08
C SER A 5 -8.32 -3.97 -5.96
N ALA A 6 -7.33 -4.06 -5.11
CA ALA A 6 -6.70 -5.31 -4.78
C ALA A 6 -6.70 -5.42 -3.27
N LEU A 7 -7.26 -4.38 -2.66
CA LEU A 7 -7.21 -4.18 -1.26
C LEU A 7 -8.16 -3.07 -0.87
N THR A 8 -8.17 -2.73 0.39
CA THR A 8 -9.00 -1.65 0.90
C THR A 8 -8.19 -0.61 1.68
N VAL A 9 -8.89 0.47 1.99
CA VAL A 9 -8.36 1.58 2.72
C VAL A 9 -8.40 1.27 4.19
N GLY A 10 -7.30 1.56 4.83
CA GLY A 10 -7.09 1.14 6.18
C GLY A 10 -6.79 -0.33 6.23
N GLN A 11 -6.38 -0.90 5.09
CA GLN A 11 -6.04 -2.31 5.04
C GLN A 11 -4.75 -2.52 5.78
N ALA A 12 -3.79 -1.68 5.45
CA ALA A 12 -2.47 -1.70 6.03
C ALA A 12 -1.70 -2.95 5.62
N LEU A 13 -0.59 -2.69 4.99
CA LEU A 13 0.25 -3.70 4.40
C LEU A 13 1.69 -3.23 4.42
N LYS A 14 2.47 -3.62 3.43
CA LYS A 14 3.85 -3.24 3.36
C LYS A 14 4.14 -2.51 2.06
N VAL A 15 5.20 -1.74 2.10
CA VAL A 15 5.73 -1.09 0.95
C VAL A 15 7.23 -1.29 0.95
N LYS A 16 7.83 -1.32 -0.19
CA LYS A 16 9.25 -1.48 -0.29
C LYS A 16 9.89 -0.11 -0.30
N ALA A 17 10.17 0.40 0.88
CA ALA A 17 10.71 1.74 1.02
C ALA A 17 12.16 1.66 1.44
N GLY A 18 13.05 1.73 0.47
CA GLY A 18 14.46 1.57 0.74
C GLY A 18 14.92 0.18 0.39
N GLN A 19 14.36 -0.36 -0.70
CA GLN A 19 14.69 -1.69 -1.22
C GLN A 19 14.13 -2.80 -0.34
N ASN A 20 13.45 -2.41 0.73
CA ASN A 20 12.91 -3.36 1.69
C ASN A 20 11.47 -3.04 2.03
N ALA A 21 10.66 -4.08 2.18
CA ALA A 21 9.29 -3.89 2.60
C ALA A 21 9.29 -3.40 4.03
N MET A 22 8.59 -2.33 4.22
CA MET A 22 8.69 -1.53 5.41
C MET A 22 7.44 -1.72 6.24
N ASP A 23 6.40 -1.05 5.77
CA ASP A 23 5.04 -1.16 6.30
C ASP A 23 4.31 0.08 5.82
N ALA A 24 3.02 -0.02 5.61
CA ALA A 24 2.27 1.13 5.18
C ALA A 24 0.78 0.92 5.34
N THR A 25 0.05 2.01 5.57
CA THR A 25 -1.37 1.91 5.86
C THR A 25 -2.20 2.61 4.80
N VAL A 26 -3.16 1.91 4.24
CA VAL A 26 -3.89 2.43 3.11
C VAL A 26 -4.75 3.64 3.46
N LEU A 27 -4.42 4.77 2.84
CA LEU A 27 -5.23 5.99 2.94
C LEU A 27 -6.16 6.11 1.74
N GLU A 28 -5.65 5.75 0.57
CA GLU A 28 -6.41 5.80 -0.64
C GLU A 28 -5.81 4.76 -1.54
N ILE A 29 -6.56 4.29 -2.47
CA ILE A 29 -6.12 3.20 -3.30
C ILE A 29 -6.05 3.59 -4.76
N THR A 30 -5.32 2.81 -5.55
CA THR A 30 -5.15 3.11 -6.96
C THR A 30 -5.82 2.06 -7.81
N LYS A 31 -5.46 2.02 -9.10
CA LYS A 31 -6.01 1.04 -10.03
C LYS A 31 -5.92 -0.37 -9.48
N ASP A 32 -4.86 -0.64 -8.74
CA ASP A 32 -4.59 -1.99 -8.26
C ASP A 32 -3.65 -1.88 -7.08
N GLY A 33 -2.87 -0.81 -7.07
CA GLY A 33 -1.99 -0.56 -5.98
C GLY A 33 -2.70 0.32 -5.03
N VAL A 34 -1.97 1.10 -4.31
CA VAL A 34 -2.58 1.93 -3.35
C VAL A 34 -1.85 3.25 -3.24
N ARG A 35 -2.32 4.05 -2.33
CA ARG A 35 -1.56 5.13 -1.78
C ARG A 35 -1.66 5.00 -0.28
N VAL A 36 -0.79 4.20 0.24
CA VAL A 36 -0.77 3.94 1.66
C VAL A 36 -0.06 5.06 2.35
N GLN A 37 -0.03 4.97 3.64
CA GLN A 37 0.74 5.85 4.42
C GLN A 37 1.93 5.06 4.93
N LEU A 38 3.10 5.43 4.46
CA LEU A 38 4.30 4.65 4.71
C LEU A 38 4.74 4.72 6.15
N ASN A 39 5.32 3.62 6.59
CA ASN A 39 5.91 3.52 7.92
C ASN A 39 7.19 4.36 7.92
N SER A 40 7.67 4.59 6.71
CA SER A 40 8.70 5.59 6.46
C SER A 40 8.16 6.96 6.82
N GLY A 41 6.85 7.03 6.85
CA GLY A 41 6.19 8.29 7.11
C GLY A 41 5.79 9.00 5.84
N MET A 42 5.67 8.25 4.75
CA MET A 42 5.30 8.83 3.49
C MET A 42 3.87 8.40 3.16
N SER A 43 3.48 8.52 1.92
CA SER A 43 2.18 8.06 1.46
C SER A 43 2.24 7.93 -0.05
N LEU A 44 1.84 6.78 -0.57
CA LEU A 44 2.13 6.43 -1.97
C LEU A 44 1.89 4.96 -2.30
N ILE A 45 2.29 4.08 -1.38
CA ILE A 45 2.60 2.68 -1.66
C ILE A 45 3.23 2.46 -3.05
N VAL A 46 2.42 2.23 -4.08
CA VAL A 46 2.92 1.70 -5.35
C VAL A 46 1.76 1.06 -6.13
N ARG A 47 2.11 0.16 -7.00
CA ARG A 47 1.14 -0.57 -7.80
C ARG A 47 1.04 -1.99 -7.27
N ALA A 48 0.01 -2.71 -7.69
CA ALA A 48 -0.35 -3.96 -7.07
C ALA A 48 0.65 -5.06 -7.32
N GLU A 49 1.49 -4.85 -8.30
CA GLU A 49 2.48 -5.85 -8.66
C GLU A 49 3.82 -5.47 -8.07
N HIS A 50 3.74 -4.73 -7.01
CA HIS A 50 4.89 -4.26 -6.30
C HIS A 50 4.70 -4.33 -4.80
N LEU A 51 3.44 -4.30 -4.36
CA LEU A 51 3.13 -4.27 -2.97
C LEU A 51 2.91 -5.66 -2.43
N VAL A 52 3.00 -5.79 -1.13
CA VAL A 52 2.87 -7.08 -0.48
C VAL A 52 1.93 -7.04 0.73
N PHE A 53 0.64 -6.94 0.46
CA PHE A 53 -0.37 -7.19 1.46
C PHE A 53 -0.33 -8.64 1.93
N VAL A 1 -16.31 -9.82 -2.74
CA VAL A 1 -15.57 -8.54 -2.95
C VAL A 1 -15.40 -7.82 -1.62
N SER A 2 -14.25 -8.00 -1.01
CA SER A 2 -13.95 -7.39 0.28
C SER A 2 -12.79 -6.42 0.13
N ASP A 3 -12.48 -6.08 -1.11
CA ASP A 3 -11.41 -5.14 -1.41
C ASP A 3 -11.89 -4.18 -2.48
N ILE A 4 -11.25 -3.04 -2.56
CA ILE A 4 -11.54 -2.07 -3.59
C ILE A 4 -10.82 -2.43 -4.88
N SER A 5 -9.51 -2.31 -4.84
CA SER A 5 -8.69 -2.60 -5.98
C SER A 5 -8.21 -4.03 -5.93
N ALA A 6 -7.20 -4.22 -5.12
CA ALA A 6 -6.69 -5.49 -4.76
C ALA A 6 -6.74 -5.53 -3.26
N LEU A 7 -7.18 -4.39 -2.71
CA LEU A 7 -7.19 -4.18 -1.29
C LEU A 7 -8.13 -3.04 -0.94
N THR A 8 -8.16 -2.70 0.33
CA THR A 8 -9.00 -1.63 0.83
C THR A 8 -8.22 -0.60 1.65
N VAL A 9 -8.90 0.49 1.95
CA VAL A 9 -8.38 1.60 2.69
C VAL A 9 -8.43 1.29 4.15
N GLY A 10 -7.33 1.55 4.79
CA GLY A 10 -7.13 1.12 6.16
C GLY A 10 -6.86 -0.36 6.19
N GLN A 11 -6.45 -0.91 5.05
CA GLN A 11 -6.12 -2.33 5.00
C GLN A 11 -4.80 -2.53 5.68
N ALA A 12 -3.85 -1.70 5.27
CA ALA A 12 -2.50 -1.71 5.80
C ALA A 12 -1.73 -2.93 5.30
N LEU A 13 -0.58 -2.64 4.76
CA LEU A 13 0.27 -3.63 4.12
C LEU A 13 1.72 -3.21 4.28
N LYS A 14 2.53 -3.60 3.33
CA LYS A 14 3.92 -3.25 3.34
C LYS A 14 4.34 -2.71 2.00
N VAL A 15 5.27 -1.78 2.05
CA VAL A 15 5.84 -1.21 0.87
C VAL A 15 7.34 -1.43 0.93
N LYS A 16 7.96 -1.54 -0.21
CA LYS A 16 9.38 -1.78 -0.28
C LYS A 16 10.10 -0.44 -0.36
N ALA A 17 10.28 0.16 0.78
CA ALA A 17 10.86 1.49 0.84
C ALA A 17 12.34 1.40 1.18
N GLY A 18 13.17 1.50 0.15
CA GLY A 18 14.59 1.30 0.32
C GLY A 18 14.98 -0.13 0.03
N GLN A 19 14.27 -0.72 -0.95
CA GLN A 19 14.51 -2.09 -1.38
C GLN A 19 14.07 -3.11 -0.32
N ASN A 20 13.39 -2.63 0.71
CA ASN A 20 12.94 -3.50 1.79
C ASN A 20 11.50 -3.20 2.16
N ALA A 21 10.67 -4.24 2.24
CA ALA A 21 9.29 -4.08 2.65
C ALA A 21 9.25 -3.59 4.08
N MET A 22 8.60 -2.47 4.23
CA MET A 22 8.70 -1.67 5.42
C MET A 22 7.42 -1.78 6.23
N ASP A 23 6.42 -1.10 5.71
CA ASP A 23 5.05 -1.12 6.22
C ASP A 23 4.35 0.11 5.73
N ALA A 24 3.06 0.02 5.53
CA ALA A 24 2.30 1.17 5.10
C ALA A 24 0.81 0.95 5.29
N THR A 25 0.06 2.03 5.52
CA THR A 25 -1.35 1.90 5.79
C THR A 25 -2.19 2.62 4.77
N VAL A 26 -3.17 1.95 4.23
CA VAL A 26 -3.92 2.47 3.11
C VAL A 26 -4.74 3.71 3.47
N LEU A 27 -4.46 4.81 2.77
CA LEU A 27 -5.22 6.04 2.92
C LEU A 27 -6.18 6.18 1.75
N GLU A 28 -5.69 5.80 0.58
CA GLU A 28 -6.42 5.88 -0.66
C GLU A 28 -5.86 4.80 -1.52
N ILE A 29 -6.61 4.36 -2.47
CA ILE A 29 -6.20 3.24 -3.29
C ILE A 29 -6.14 3.59 -4.77
N THR A 30 -5.38 2.80 -5.53
CA THR A 30 -5.22 3.04 -6.95
C THR A 30 -5.90 1.95 -7.76
N LYS A 31 -5.56 1.87 -9.05
CA LYS A 31 -6.13 0.87 -9.94
C LYS A 31 -5.97 -0.55 -9.40
N ASP A 32 -4.90 -0.78 -8.66
CA ASP A 32 -4.61 -2.12 -8.20
C ASP A 32 -3.70 -2.01 -6.99
N GLY A 33 -2.95 -0.93 -6.96
CA GLY A 33 -2.07 -0.66 -5.87
C GLY A 33 -2.77 0.25 -4.93
N VAL A 34 -2.02 1.05 -4.24
CA VAL A 34 -2.61 1.91 -3.29
C VAL A 34 -1.88 3.23 -3.22
N ARG A 35 -2.32 4.04 -2.30
CA ARG A 35 -1.58 5.19 -1.84
C ARG A 35 -1.62 5.17 -0.33
N VAL A 36 -0.76 4.37 0.22
CA VAL A 36 -0.75 4.10 1.65
C VAL A 36 -0.02 5.18 2.42
N GLN A 37 0.05 4.98 3.71
CA GLN A 37 0.87 5.76 4.56
C GLN A 37 2.07 4.94 4.98
N LEU A 38 3.23 5.31 4.47
CA LEU A 38 4.43 4.52 4.71
C LEU A 38 4.87 4.61 6.14
N ASN A 39 5.38 3.50 6.61
CA ASN A 39 5.94 3.39 7.95
C ASN A 39 7.24 4.18 7.96
N SER A 40 7.79 4.32 6.76
CA SER A 40 8.87 5.25 6.50
C SER A 40 8.44 6.64 6.90
N GLY A 41 7.13 6.83 6.86
CA GLY A 41 6.54 8.11 7.13
C GLY A 41 6.17 8.82 5.84
N MET A 42 5.99 8.05 4.79
CA MET A 42 5.65 8.60 3.51
C MET A 42 4.18 8.29 3.25
N SER A 43 3.74 8.47 2.03
CA SER A 43 2.42 8.07 1.61
C SER A 43 2.43 7.96 0.10
N LEU A 44 2.05 6.79 -0.38
CA LEU A 44 2.24 6.46 -1.80
C LEU A 44 1.92 5.01 -2.17
N ILE A 45 2.36 4.11 -1.31
CA ILE A 45 2.62 2.71 -1.65
C ILE A 45 3.21 2.53 -3.07
N VAL A 46 2.38 2.29 -4.09
CA VAL A 46 2.86 1.82 -5.39
C VAL A 46 1.72 1.14 -6.15
N ARG A 47 2.09 0.21 -7.00
CA ARG A 47 1.13 -0.56 -7.78
C ARG A 47 1.09 -1.97 -7.23
N ALA A 48 0.04 -2.69 -7.57
CA ALA A 48 -0.27 -3.95 -6.91
C ALA A 48 0.75 -5.03 -7.19
N GLU A 49 1.53 -4.82 -8.23
CA GLU A 49 2.49 -5.81 -8.66
C GLU A 49 3.85 -5.49 -8.12
N HIS A 50 3.85 -4.71 -7.08
CA HIS A 50 5.05 -4.25 -6.48
C HIS A 50 4.89 -4.27 -4.96
N LEU A 51 3.65 -4.15 -4.49
CA LEU A 51 3.39 -4.08 -3.09
C LEU A 51 3.22 -5.45 -2.48
N VAL A 52 3.32 -5.52 -1.17
CA VAL A 52 3.21 -6.77 -0.47
C VAL A 52 2.26 -6.72 0.73
N PHE A 53 0.97 -6.77 0.45
CA PHE A 53 -0.02 -7.05 1.46
C PHE A 53 0.08 -8.50 1.90
N VAL A 1 -10.36 -9.68 -2.00
CA VAL A 1 -11.81 -9.81 -2.26
C VAL A 1 -12.60 -8.97 -1.27
N SER A 2 -13.78 -8.51 -1.70
CA SER A 2 -14.57 -7.53 -0.96
C SER A 2 -13.72 -6.32 -0.58
N ASP A 3 -12.81 -5.97 -1.50
CA ASP A 3 -11.92 -4.84 -1.34
C ASP A 3 -12.28 -3.76 -2.35
N ILE A 4 -11.42 -2.78 -2.49
CA ILE A 4 -11.60 -1.77 -3.50
C ILE A 4 -11.00 -2.21 -4.82
N SER A 5 -9.68 -2.15 -4.91
CA SER A 5 -8.97 -2.58 -6.07
C SER A 5 -8.39 -3.96 -5.91
N ALA A 6 -7.34 -4.05 -5.13
CA ALA A 6 -6.73 -5.31 -4.80
C ALA A 6 -6.73 -5.44 -3.30
N LEU A 7 -7.29 -4.40 -2.69
CA LEU A 7 -7.25 -4.19 -1.27
C LEU A 7 -8.18 -3.05 -0.91
N THR A 8 -8.19 -2.71 0.36
CA THR A 8 -9.01 -1.62 0.86
C THR A 8 -8.21 -0.59 1.66
N VAL A 9 -8.89 0.49 1.97
CA VAL A 9 -8.35 1.60 2.72
C VAL A 9 -8.42 1.29 4.19
N GLY A 10 -7.33 1.56 4.84
CA GLY A 10 -7.14 1.16 6.20
C GLY A 10 -6.81 -0.31 6.27
N GLN A 11 -6.42 -0.88 5.12
CA GLN A 11 -6.08 -2.29 5.08
C GLN A 11 -4.73 -2.48 5.72
N ALA A 12 -3.79 -1.67 5.26
CA ALA A 12 -2.43 -1.67 5.73
C ALA A 12 -1.66 -2.89 5.27
N LEU A 13 -0.53 -2.62 4.67
CA LEU A 13 0.30 -3.62 4.05
C LEU A 13 1.75 -3.19 4.15
N LYS A 14 2.53 -3.59 3.18
CA LYS A 14 3.93 -3.24 3.12
C LYS A 14 4.31 -2.81 1.73
N VAL A 15 5.25 -1.91 1.67
CA VAL A 15 5.87 -1.54 0.43
C VAL A 15 7.36 -1.49 0.64
N LYS A 16 8.11 -1.73 -0.39
CA LYS A 16 9.50 -1.59 -0.36
C LYS A 16 9.86 -0.27 -1.00
N ALA A 17 10.31 0.60 -0.17
CA ALA A 17 10.69 1.92 -0.59
C ALA A 17 12.14 2.17 -0.24
N GLY A 18 13.00 2.04 -1.23
CA GLY A 18 14.42 2.03 -0.99
C GLY A 18 14.93 0.61 -0.98
N GLN A 19 14.28 -0.24 -1.79
CA GLN A 19 14.66 -1.64 -1.97
C GLN A 19 14.20 -2.52 -0.80
N ASN A 20 13.89 -1.90 0.32
CA ASN A 20 13.49 -2.63 1.52
C ASN A 20 12.03 -2.37 1.86
N ALA A 21 11.32 -3.41 2.25
CA ALA A 21 9.94 -3.30 2.66
C ALA A 21 9.86 -2.58 3.98
N MET A 22 8.79 -1.84 4.09
CA MET A 22 8.67 -0.86 5.15
C MET A 22 7.54 -1.25 6.08
N ASP A 23 6.34 -0.87 5.66
CA ASP A 23 5.07 -1.08 6.37
C ASP A 23 4.24 0.15 6.14
N ALA A 24 3.05 0.01 5.57
CA ALA A 24 2.32 1.19 5.21
C ALA A 24 0.82 0.99 5.32
N THR A 25 0.09 2.06 5.60
CA THR A 25 -1.34 1.94 5.86
C THR A 25 -2.17 2.61 4.78
N VAL A 26 -3.13 1.91 4.25
CA VAL A 26 -3.87 2.40 3.10
C VAL A 26 -4.72 3.63 3.44
N LEU A 27 -4.47 4.72 2.73
CA LEU A 27 -5.26 5.94 2.89
C LEU A 27 -6.17 6.13 1.69
N GLU A 28 -5.66 5.70 0.55
CA GLU A 28 -6.34 5.83 -0.69
C GLU A 28 -5.80 4.71 -1.54
N ILE A 29 -6.54 4.28 -2.50
CA ILE A 29 -6.12 3.16 -3.32
C ILE A 29 -6.01 3.56 -4.78
N THR A 30 -5.26 2.78 -5.54
CA THR A 30 -5.05 3.10 -6.95
C THR A 30 -5.71 2.07 -7.82
N LYS A 31 -5.39 2.06 -9.10
CA LYS A 31 -5.97 1.12 -10.04
C LYS A 31 -5.84 -0.32 -9.57
N ASP A 32 -4.81 -0.62 -8.80
CA ASP A 32 -4.60 -1.97 -8.32
C ASP A 32 -3.72 -1.91 -7.09
N GLY A 33 -2.89 -0.87 -7.06
CA GLY A 33 -2.03 -0.65 -5.94
C GLY A 33 -2.73 0.23 -4.99
N VAL A 34 -1.99 1.01 -4.27
CA VAL A 34 -2.60 1.85 -3.30
C VAL A 34 -1.88 3.16 -3.21
N ARG A 35 -2.32 3.94 -2.25
CA ARG A 35 -1.58 5.05 -1.73
C ARG A 35 -1.67 4.97 -0.23
N VAL A 36 -0.72 4.29 0.31
CA VAL A 36 -0.70 4.01 1.72
C VAL A 36 0.00 5.08 2.48
N GLN A 37 0.06 4.92 3.77
CA GLN A 37 0.80 5.78 4.62
C GLN A 37 2.05 5.06 5.08
N LEU A 38 3.19 5.47 4.58
CA LEU A 38 4.43 4.78 4.84
C LEU A 38 4.88 4.93 6.26
N ASN A 39 5.48 3.87 6.76
CA ASN A 39 5.99 3.82 8.12
C ASN A 39 7.16 4.78 8.27
N SER A 40 7.88 4.97 7.17
CA SER A 40 8.88 6.03 7.08
C SER A 40 8.21 7.39 7.15
N GLY A 41 6.89 7.37 6.98
CA GLY A 41 6.14 8.59 7.10
C GLY A 41 5.89 9.23 5.76
N MET A 42 5.73 8.42 4.73
CA MET A 42 5.38 8.93 3.44
C MET A 42 3.95 8.46 3.15
N SER A 43 3.52 8.54 1.92
CA SER A 43 2.23 8.06 1.52
C SER A 43 2.19 7.98 0.01
N LEU A 44 1.79 6.82 -0.48
CA LEU A 44 2.06 6.48 -1.90
C LEU A 44 1.82 5.01 -2.25
N ILE A 45 2.29 4.13 -1.38
CA ILE A 45 2.60 2.74 -1.71
C ILE A 45 3.16 2.56 -3.14
N VAL A 46 2.31 2.26 -4.14
CA VAL A 46 2.80 1.75 -5.43
C VAL A 46 1.65 1.03 -6.16
N ARG A 47 2.04 0.14 -7.06
CA ARG A 47 1.10 -0.68 -7.81
C ARG A 47 1.01 -2.03 -7.13
N ALA A 48 -0.02 -2.77 -7.48
CA ALA A 48 -0.37 -4.00 -6.80
C ALA A 48 0.61 -5.12 -7.07
N GLU A 49 1.42 -4.94 -8.10
CA GLU A 49 2.40 -5.95 -8.46
C GLU A 49 3.76 -5.51 -7.99
N HIS A 50 3.73 -4.71 -6.95
CA HIS A 50 4.91 -4.18 -6.35
C HIS A 50 4.79 -4.22 -4.84
N LEU A 51 3.55 -4.20 -4.35
CA LEU A 51 3.29 -4.17 -2.95
C LEU A 51 3.09 -5.58 -2.42
N VAL A 52 3.16 -5.70 -1.10
CA VAL A 52 3.02 -7.00 -0.45
C VAL A 52 2.04 -6.95 0.74
N PHE A 53 0.75 -6.94 0.42
CA PHE A 53 -0.28 -7.20 1.39
C PHE A 53 -0.22 -8.66 1.83
N VAL A 1 -11.61 -9.87 -3.42
CA VAL A 1 -13.02 -9.81 -2.98
C VAL A 1 -13.09 -9.19 -1.58
N SER A 2 -14.05 -8.30 -1.39
CA SER A 2 -14.17 -7.51 -0.16
C SER A 2 -13.06 -6.47 -0.12
N ASP A 3 -12.61 -6.07 -1.30
CA ASP A 3 -11.57 -5.08 -1.43
C ASP A 3 -12.04 -4.03 -2.42
N ILE A 4 -11.35 -2.92 -2.49
CA ILE A 4 -11.62 -1.91 -3.48
C ILE A 4 -11.02 -2.36 -4.80
N SER A 5 -9.70 -2.29 -4.89
CA SER A 5 -8.99 -2.70 -6.06
C SER A 5 -8.35 -4.06 -5.86
N ALA A 6 -7.27 -4.09 -5.09
CA ALA A 6 -6.62 -5.32 -4.74
C ALA A 6 -6.64 -5.43 -3.24
N LEU A 7 -7.23 -4.40 -2.65
CA LEU A 7 -7.22 -4.19 -1.24
C LEU A 7 -8.17 -3.05 -0.89
N THR A 8 -8.21 -2.72 0.38
CA THR A 8 -9.04 -1.62 0.86
C THR A 8 -8.24 -0.61 1.66
N VAL A 9 -8.91 0.48 1.97
CA VAL A 9 -8.37 1.59 2.71
C VAL A 9 -8.40 1.27 4.18
N GLY A 10 -7.32 1.60 4.83
CA GLY A 10 -7.10 1.20 6.18
C GLY A 10 -6.78 -0.27 6.26
N GLN A 11 -6.44 -0.85 5.11
CA GLN A 11 -6.11 -2.27 5.08
C GLN A 11 -4.78 -2.47 5.75
N ALA A 12 -3.82 -1.69 5.28
CA ALA A 12 -2.47 -1.68 5.79
C ALA A 12 -1.71 -2.91 5.36
N LEU A 13 -0.56 -2.64 4.82
CA LEU A 13 0.29 -3.65 4.23
C LEU A 13 1.72 -3.19 4.32
N LYS A 14 2.51 -3.56 3.34
CA LYS A 14 3.84 -3.05 3.19
C LYS A 14 3.91 -2.32 1.87
N VAL A 15 4.90 -1.47 1.77
CA VAL A 15 5.04 -0.60 0.62
C VAL A 15 6.15 -1.07 -0.28
N LYS A 16 7.11 -1.62 0.38
CA LYS A 16 8.37 -2.00 -0.21
C LYS A 16 9.02 -0.80 -0.84
N ALA A 17 9.77 -0.13 0.00
CA ALA A 17 10.34 1.15 -0.33
C ALA A 17 11.69 0.97 -0.99
N GLY A 18 11.66 0.48 -2.22
CA GLY A 18 12.87 0.22 -2.96
C GLY A 18 13.09 -1.26 -3.18
N GLN A 19 14.03 -1.81 -2.44
CA GLN A 19 14.35 -3.22 -2.54
C GLN A 19 13.71 -4.01 -1.40
N ASN A 20 13.40 -3.31 -0.33
CA ASN A 20 12.98 -3.95 0.91
C ASN A 20 11.60 -3.50 1.34
N ALA A 21 10.96 -4.29 2.18
CA ALA A 21 9.67 -3.96 2.71
C ALA A 21 9.83 -3.05 3.91
N MET A 22 8.74 -2.46 4.31
CA MET A 22 8.73 -1.50 5.39
C MET A 22 7.47 -1.72 6.20
N ASP A 23 6.44 -1.00 5.82
CA ASP A 23 5.08 -1.13 6.33
C ASP A 23 4.34 0.13 5.98
N ALA A 24 3.08 0.03 5.61
CA ALA A 24 2.34 1.20 5.23
C ALA A 24 0.83 0.98 5.36
N THR A 25 0.08 2.04 5.61
CA THR A 25 -1.35 1.90 5.84
C THR A 25 -2.19 2.61 4.79
N VAL A 26 -3.15 1.91 4.23
CA VAL A 26 -3.89 2.43 3.10
C VAL A 26 -4.73 3.66 3.44
N LEU A 27 -4.45 4.75 2.74
CA LEU A 27 -5.22 5.98 2.90
C LEU A 27 -6.18 6.14 1.74
N GLU A 28 -5.71 5.72 0.57
CA GLU A 28 -6.47 5.80 -0.64
C GLU A 28 -5.88 4.75 -1.54
N ILE A 29 -6.63 4.29 -2.47
CA ILE A 29 -6.20 3.20 -3.32
C ILE A 29 -6.14 3.58 -4.78
N THR A 30 -5.39 2.81 -5.56
CA THR A 30 -5.25 3.09 -6.98
C THR A 30 -5.97 2.02 -7.77
N LYS A 31 -5.66 1.89 -9.05
CA LYS A 31 -6.31 0.92 -9.90
C LYS A 31 -6.09 -0.49 -9.38
N ASP A 32 -4.95 -0.69 -8.74
CA ASP A 32 -4.54 -2.00 -8.31
C ASP A 32 -3.66 -1.85 -7.09
N GLY A 33 -2.90 -0.76 -7.09
CA GLY A 33 -2.03 -0.49 -6.01
C GLY A 33 -2.74 0.40 -5.07
N VAL A 34 -2.01 1.18 -4.34
CA VAL A 34 -2.63 2.01 -3.36
C VAL A 34 -1.90 3.31 -3.23
N ARG A 35 -2.36 4.11 -2.31
CA ARG A 35 -1.57 5.14 -1.70
C ARG A 35 -1.69 4.98 -0.22
N VAL A 36 -0.79 4.22 0.31
CA VAL A 36 -0.77 3.96 1.71
C VAL A 36 0.00 5.02 2.44
N GLN A 37 0.05 4.89 3.73
CA GLN A 37 0.85 5.74 4.54
C GLN A 37 2.08 4.99 4.95
N LEU A 38 3.20 5.35 4.38
CA LEU A 38 4.44 4.66 4.66
C LEU A 38 4.87 4.98 6.05
N ASN A 39 5.25 3.93 6.75
CA ASN A 39 5.76 4.09 8.10
C ASN A 39 7.20 4.59 8.01
N SER A 40 7.76 4.50 6.80
CA SER A 40 8.95 5.26 6.45
C SER A 40 8.65 6.74 6.63
N GLY A 41 7.36 7.03 6.55
CA GLY A 41 6.90 8.38 6.76
C GLY A 41 6.41 9.03 5.49
N MET A 42 6.02 8.23 4.51
CA MET A 42 5.54 8.76 3.26
C MET A 42 4.09 8.33 3.05
N SER A 43 3.61 8.42 1.83
CA SER A 43 2.29 7.98 1.47
C SER A 43 2.24 7.87 -0.04
N LEU A 44 1.83 6.72 -0.53
CA LEU A 44 2.06 6.38 -1.95
C LEU A 44 1.83 4.91 -2.28
N ILE A 45 2.21 4.05 -1.35
CA ILE A 45 2.52 2.64 -1.60
C ILE A 45 3.20 2.43 -2.96
N VAL A 46 2.43 2.20 -4.03
CA VAL A 46 2.99 1.65 -5.27
C VAL A 46 1.88 1.03 -6.12
N ARG A 47 2.29 0.10 -6.96
CA ARG A 47 1.40 -0.63 -7.83
C ARG A 47 1.19 -2.01 -7.23
N ALA A 48 0.12 -2.67 -7.62
CA ALA A 48 -0.30 -3.91 -6.98
C ALA A 48 0.66 -5.04 -7.24
N GLU A 49 1.54 -4.85 -8.20
CA GLU A 49 2.50 -5.88 -8.54
C GLU A 49 3.81 -5.62 -7.83
N HIS A 50 3.74 -4.79 -6.83
CA HIS A 50 4.89 -4.41 -6.08
C HIS A 50 4.63 -4.53 -4.59
N LEU A 51 3.36 -4.44 -4.21
CA LEU A 51 3.00 -4.41 -2.83
C LEU A 51 2.73 -5.80 -2.29
N VAL A 52 2.89 -5.94 -1.01
CA VAL A 52 2.75 -7.24 -0.35
C VAL A 52 1.81 -7.19 0.86
N PHE A 53 0.52 -7.07 0.58
CA PHE A 53 -0.53 -7.28 1.56
C PHE A 53 -0.58 -8.73 2.01
N VAL A 1 -15.18 -5.39 4.09
CA VAL A 1 -14.23 -4.85 3.11
C VAL A 1 -13.78 -5.93 2.13
N SER A 2 -14.47 -6.00 1.00
CA SER A 2 -14.13 -6.94 -0.06
C SER A 2 -13.15 -6.30 -1.04
N ASP A 3 -12.40 -5.32 -0.52
CA ASP A 3 -11.34 -4.62 -1.25
C ASP A 3 -11.90 -3.71 -2.33
N ILE A 4 -11.32 -2.52 -2.41
CA ILE A 4 -11.68 -1.56 -3.42
C ILE A 4 -11.07 -1.95 -4.75
N SER A 5 -9.77 -2.20 -4.73
CA SER A 5 -9.07 -2.54 -5.94
C SER A 5 -8.45 -3.92 -5.82
N ALA A 6 -7.40 -4.01 -5.03
CA ALA A 6 -6.78 -5.28 -4.72
C ALA A 6 -6.76 -5.41 -3.22
N LEU A 7 -7.30 -4.37 -2.61
CA LEU A 7 -7.27 -4.17 -1.19
C LEU A 7 -8.19 -3.03 -0.82
N THR A 8 -8.24 -2.70 0.44
CA THR A 8 -9.07 -1.60 0.94
C THR A 8 -8.25 -0.56 1.70
N VAL A 9 -8.91 0.54 2.01
CA VAL A 9 -8.36 1.64 2.74
C VAL A 9 -8.41 1.32 4.20
N GLY A 10 -7.30 1.61 4.84
CA GLY A 10 -7.10 1.19 6.20
C GLY A 10 -6.80 -0.28 6.26
N GLN A 11 -6.45 -0.86 5.11
CA GLN A 11 -6.12 -2.28 5.05
C GLN A 11 -4.81 -2.50 5.75
N ALA A 12 -3.83 -1.74 5.29
CA ALA A 12 -2.48 -1.76 5.83
C ALA A 12 -1.72 -2.97 5.35
N LEU A 13 -0.55 -2.69 4.82
CA LEU A 13 0.30 -3.68 4.20
C LEU A 13 1.75 -3.25 4.34
N LYS A 14 2.54 -3.63 3.37
CA LYS A 14 3.89 -3.18 3.27
C LYS A 14 4.08 -2.48 1.95
N VAL A 15 5.03 -1.59 1.92
CA VAL A 15 5.24 -0.74 0.76
C VAL A 15 6.37 -1.25 -0.07
N LYS A 16 7.30 -1.80 0.64
CA LYS A 16 8.54 -2.28 0.11
C LYS A 16 9.27 -1.17 -0.62
N ALA A 17 10.03 -0.45 0.18
CA ALA A 17 10.73 0.73 -0.26
C ALA A 17 12.19 0.41 -0.47
N GLY A 18 12.58 0.30 -1.73
CA GLY A 18 13.94 -0.10 -2.05
C GLY A 18 14.16 -1.57 -1.80
N GLN A 19 13.25 -2.39 -2.34
CA GLN A 19 13.30 -3.86 -2.21
C GLN A 19 12.95 -4.33 -0.80
N ASN A 20 13.39 -3.58 0.19
CA ASN A 20 13.14 -3.92 1.58
C ASN A 20 11.73 -3.52 1.99
N ALA A 21 11.05 -4.41 2.69
CA ALA A 21 9.73 -4.14 3.18
C ALA A 21 9.82 -3.28 4.41
N MET A 22 8.77 -2.55 4.66
CA MET A 22 8.77 -1.56 5.70
C MET A 22 7.47 -1.67 6.48
N ASP A 23 6.45 -1.07 5.91
CA ASP A 23 5.07 -1.17 6.36
C ASP A 23 4.35 0.04 5.78
N ALA A 24 3.06 -0.03 5.57
CA ALA A 24 2.32 1.12 5.14
C ALA A 24 0.81 0.91 5.30
N THR A 25 0.08 1.98 5.56
CA THR A 25 -1.35 1.85 5.83
C THR A 25 -2.18 2.60 4.80
N VAL A 26 -3.16 1.92 4.25
CA VAL A 26 -3.90 2.44 3.12
C VAL A 26 -4.71 3.68 3.46
N LEU A 27 -4.43 4.76 2.74
CA LEU A 27 -5.20 6.00 2.86
C LEU A 27 -6.15 6.15 1.67
N GLU A 28 -5.69 5.71 0.52
CA GLU A 28 -6.44 5.75 -0.69
C GLU A 28 -5.88 4.67 -1.55
N ILE A 29 -6.63 4.21 -2.50
CA ILE A 29 -6.20 3.09 -3.32
C ILE A 29 -6.14 3.45 -4.79
N THR A 30 -5.37 2.69 -5.55
CA THR A 30 -5.14 3.01 -6.95
C THR A 30 -5.73 1.98 -7.88
N LYS A 31 -5.29 2.02 -9.13
CA LYS A 31 -5.71 1.08 -10.16
C LYS A 31 -5.63 -0.37 -9.70
N ASP A 32 -4.70 -0.65 -8.80
CA ASP A 32 -4.52 -2.00 -8.29
C ASP A 32 -3.60 -1.94 -7.08
N GLY A 33 -2.83 -0.87 -7.04
CA GLY A 33 -1.97 -0.63 -5.92
C GLY A 33 -2.70 0.23 -4.97
N VAL A 34 -1.99 1.04 -4.26
CA VAL A 34 -2.60 1.87 -3.31
C VAL A 34 -1.89 3.20 -3.20
N ARG A 35 -2.36 3.99 -2.28
CA ARG A 35 -1.63 5.10 -1.74
C ARG A 35 -1.74 5.01 -0.24
N VAL A 36 -0.74 4.39 0.32
CA VAL A 36 -0.73 4.09 1.73
C VAL A 36 -0.01 5.16 2.50
N GLN A 37 0.04 4.96 3.78
CA GLN A 37 0.81 5.77 4.67
C GLN A 37 2.05 5.00 5.04
N LEU A 38 3.15 5.35 4.41
CA LEU A 38 4.38 4.59 4.60
C LEU A 38 4.87 4.68 6.01
N ASN A 39 5.34 3.54 6.47
CA ASN A 39 6.01 3.42 7.75
C ASN A 39 7.38 4.06 7.60
N SER A 40 7.80 4.14 6.35
CA SER A 40 8.92 4.97 5.93
C SER A 40 8.63 6.42 6.30
N GLY A 41 7.36 6.71 6.51
CA GLY A 41 6.94 8.04 6.89
C GLY A 41 6.42 8.83 5.71
N MET A 42 5.92 8.14 4.69
CA MET A 42 5.47 8.78 3.49
C MET A 42 4.03 8.34 3.19
N SER A 43 3.60 8.46 1.95
CA SER A 43 2.28 8.07 1.51
C SER A 43 2.32 7.96 0.00
N LEU A 44 1.85 6.83 -0.52
CA LEU A 44 2.15 6.49 -1.92
C LEU A 44 1.87 5.02 -2.27
N ILE A 45 2.28 4.14 -1.38
CA ILE A 45 2.59 2.74 -1.66
C ILE A 45 3.18 2.54 -3.07
N VAL A 46 2.35 2.29 -4.09
CA VAL A 46 2.84 1.80 -5.39
C VAL A 46 1.72 1.11 -6.15
N ARG A 47 2.10 0.25 -7.06
CA ARG A 47 1.17 -0.54 -7.87
C ARG A 47 1.12 -1.95 -7.30
N ALA A 48 0.10 -2.68 -7.68
CA ALA A 48 -0.22 -3.95 -7.03
C ALA A 48 0.82 -5.03 -7.29
N GLU A 49 1.64 -4.81 -8.29
CA GLU A 49 2.63 -5.80 -8.66
C GLU A 49 3.97 -5.41 -8.09
N HIS A 50 3.92 -4.52 -7.13
CA HIS A 50 5.08 -4.07 -6.44
C HIS A 50 4.91 -4.21 -4.93
N LEU A 51 3.66 -4.15 -4.47
CA LEU A 51 3.39 -4.13 -3.08
C LEU A 51 3.20 -5.54 -2.53
N VAL A 52 3.21 -5.63 -1.22
CA VAL A 52 3.08 -6.91 -0.55
C VAL A 52 2.11 -6.85 0.64
N PHE A 53 0.82 -6.85 0.33
CA PHE A 53 -0.20 -7.11 1.32
C PHE A 53 -0.10 -8.55 1.80
N VAL A 1 -14.68 -9.94 -4.78
CA VAL A 1 -14.01 -8.65 -4.53
C VAL A 1 -14.62 -7.96 -3.32
N SER A 2 -13.96 -8.09 -2.17
CA SER A 2 -14.42 -7.46 -0.95
C SER A 2 -13.52 -6.26 -0.63
N ASP A 3 -12.76 -5.83 -1.62
CA ASP A 3 -11.86 -4.72 -1.46
C ASP A 3 -12.14 -3.68 -2.54
N ILE A 4 -11.26 -2.72 -2.68
CA ILE A 4 -11.40 -1.72 -3.72
C ILE A 4 -10.66 -2.16 -4.97
N SER A 5 -9.35 -2.10 -4.91
CA SER A 5 -8.52 -2.45 -6.02
C SER A 5 -8.16 -3.92 -5.96
N ALA A 6 -7.15 -4.18 -5.18
CA ALA A 6 -6.74 -5.49 -4.81
C ALA A 6 -6.81 -5.52 -3.30
N LEU A 7 -7.17 -4.35 -2.76
CA LEU A 7 -7.20 -4.14 -1.35
C LEU A 7 -8.11 -2.97 -1.00
N THR A 8 -8.16 -2.66 0.28
CA THR A 8 -9.01 -1.58 0.80
C THR A 8 -8.22 -0.57 1.62
N VAL A 9 -8.91 0.52 1.96
CA VAL A 9 -8.37 1.63 2.69
C VAL A 9 -8.41 1.33 4.16
N GLY A 10 -7.31 1.61 4.79
CA GLY A 10 -7.10 1.19 6.15
C GLY A 10 -6.82 -0.28 6.22
N GLN A 11 -6.45 -0.86 5.07
CA GLN A 11 -6.14 -2.28 5.02
C GLN A 11 -4.81 -2.53 5.69
N ALA A 12 -3.83 -1.76 5.22
CA ALA A 12 -2.48 -1.79 5.73
C ALA A 12 -1.71 -3.00 5.22
N LEU A 13 -0.54 -2.71 4.71
CA LEU A 13 0.31 -3.67 4.02
C LEU A 13 1.76 -3.24 4.15
N LYS A 14 2.55 -3.59 3.14
CA LYS A 14 3.94 -3.21 3.12
C LYS A 14 4.35 -2.74 1.73
N VAL A 15 5.24 -1.76 1.69
CA VAL A 15 5.78 -1.26 0.45
C VAL A 15 7.29 -1.35 0.49
N LYS A 16 7.90 -1.42 -0.66
CA LYS A 16 9.32 -1.56 -0.80
C LYS A 16 10.01 -0.22 -0.61
N ALA A 17 10.45 0.00 0.59
CA ALA A 17 11.12 1.22 0.97
C ALA A 17 12.04 0.99 2.16
N GLY A 18 13.09 1.79 2.28
CA GLY A 18 14.01 1.67 3.40
C GLY A 18 14.92 0.47 3.28
N GLN A 19 14.63 -0.56 4.08
CA GLN A 19 15.35 -1.81 4.02
C GLN A 19 14.62 -2.78 3.09
N ASN A 20 13.92 -2.19 2.14
CA ASN A 20 13.01 -2.91 1.27
C ASN A 20 11.90 -3.59 2.04
N ALA A 21 10.71 -3.38 1.53
CA ALA A 21 9.45 -3.63 2.23
C ALA A 21 9.47 -3.07 3.64
N MET A 22 8.67 -2.06 3.83
CA MET A 22 8.73 -1.20 5.00
C MET A 22 7.57 -1.48 5.92
N ASP A 23 6.42 -1.02 5.44
CA ASP A 23 5.12 -1.14 6.09
C ASP A 23 4.36 0.09 5.70
N ALA A 24 3.08 -0.02 5.53
CA ALA A 24 2.29 1.10 5.12
C ALA A 24 0.80 0.87 5.34
N THR A 25 0.05 1.94 5.56
CA THR A 25 -1.36 1.81 5.83
C THR A 25 -2.19 2.58 4.81
N VAL A 26 -3.17 1.91 4.22
CA VAL A 26 -3.90 2.47 3.11
C VAL A 26 -4.70 3.71 3.47
N LEU A 27 -4.40 4.80 2.76
CA LEU A 27 -5.16 6.04 2.90
C LEU A 27 -6.10 6.21 1.72
N GLU A 28 -5.61 5.85 0.55
CA GLU A 28 -6.33 5.94 -0.68
C GLU A 28 -5.80 4.82 -1.53
N ILE A 29 -6.57 4.38 -2.47
CA ILE A 29 -6.17 3.25 -3.27
C ILE A 29 -6.09 3.60 -4.76
N THR A 30 -5.37 2.77 -5.50
CA THR A 30 -5.21 2.99 -6.93
C THR A 30 -5.94 1.92 -7.71
N LYS A 31 -5.58 1.74 -8.96
CA LYS A 31 -6.23 0.75 -9.81
C LYS A 31 -6.01 -0.67 -9.30
N ASP A 32 -4.91 -0.89 -8.61
CA ASP A 32 -4.55 -2.22 -8.19
C ASP A 32 -3.69 -2.10 -6.96
N GLY A 33 -2.95 -1.00 -6.91
CA GLY A 33 -2.09 -0.71 -5.81
C GLY A 33 -2.79 0.23 -4.91
N VAL A 34 -2.05 1.06 -4.25
CA VAL A 34 -2.63 1.94 -3.31
C VAL A 34 -1.89 3.26 -3.23
N ARG A 35 -2.36 4.09 -2.33
CA ARG A 35 -1.58 5.14 -1.74
C ARG A 35 -1.70 4.99 -0.26
N VAL A 36 -0.76 4.32 0.29
CA VAL A 36 -0.75 4.03 1.70
C VAL A 36 -0.08 5.13 2.46
N GLN A 37 0.01 4.93 3.74
CA GLN A 37 0.80 5.75 4.59
C GLN A 37 2.05 4.98 4.95
N LEU A 38 3.18 5.43 4.49
CA LEU A 38 4.39 4.66 4.71
C LEU A 38 4.84 4.77 6.14
N ASN A 39 5.43 3.69 6.62
CA ASN A 39 6.00 3.66 7.96
C ASN A 39 7.15 4.65 8.02
N SER A 40 7.79 4.82 6.87
CA SER A 40 8.76 5.88 6.68
C SER A 40 8.08 7.23 6.80
N GLY A 41 6.76 7.21 6.69
CA GLY A 41 5.97 8.42 6.77
C GLY A 41 5.84 9.11 5.43
N MET A 42 5.89 8.33 4.36
CA MET A 42 5.91 8.91 3.02
C MET A 42 4.50 9.04 2.44
N SER A 43 3.82 7.91 2.34
CA SER A 43 2.47 7.81 1.78
C SER A 43 2.50 7.89 0.27
N LEU A 44 1.95 6.85 -0.36
CA LEU A 44 2.21 6.60 -1.79
C LEU A 44 1.91 5.14 -2.21
N ILE A 45 2.32 4.21 -1.36
CA ILE A 45 2.61 2.81 -1.73
C ILE A 45 3.15 2.66 -3.16
N VAL A 46 2.29 2.34 -4.15
CA VAL A 46 2.76 1.87 -5.45
C VAL A 46 1.65 1.09 -6.16
N ARG A 47 2.04 0.25 -7.07
CA ARG A 47 1.15 -0.60 -7.83
C ARG A 47 1.13 -1.98 -7.20
N ALA A 48 0.11 -2.75 -7.53
CA ALA A 48 -0.17 -3.99 -6.80
C ALA A 48 0.80 -5.08 -7.13
N GLU A 49 1.54 -4.89 -8.18
CA GLU A 49 2.52 -5.86 -8.61
C GLU A 49 3.90 -5.36 -8.25
N HIS A 50 3.93 -4.62 -7.17
CA HIS A 50 5.14 -4.07 -6.66
C HIS A 50 5.07 -4.05 -5.13
N LEU A 51 3.86 -4.01 -4.59
CA LEU A 51 3.66 -4.00 -3.16
C LEU A 51 3.57 -5.42 -2.62
N VAL A 52 3.72 -5.56 -1.33
CA VAL A 52 3.72 -6.88 -0.70
C VAL A 52 2.73 -6.96 0.44
N PHE A 53 1.47 -6.82 0.09
CA PHE A 53 0.37 -7.09 0.99
C PHE A 53 0.12 -8.59 1.13
N VAL A 1 -17.58 -7.49 1.58
CA VAL A 1 -16.18 -7.01 1.54
C VAL A 1 -15.32 -7.93 0.67
N SER A 2 -14.76 -7.35 -0.36
CA SER A 2 -13.86 -8.07 -1.25
C SER A 2 -12.71 -7.15 -1.67
N ASP A 3 -12.56 -6.07 -0.90
CA ASP A 3 -11.54 -5.06 -1.12
C ASP A 3 -11.89 -4.18 -2.30
N ILE A 4 -11.30 -3.01 -2.34
CA ILE A 4 -11.54 -2.07 -3.41
C ILE A 4 -10.85 -2.53 -4.68
N SER A 5 -9.53 -2.41 -4.70
CA SER A 5 -8.75 -2.72 -5.85
C SER A 5 -8.22 -4.13 -5.78
N ALA A 6 -7.23 -4.29 -4.97
CA ALA A 6 -6.67 -5.55 -4.61
C ALA A 6 -6.70 -5.59 -3.11
N LEU A 7 -7.16 -4.45 -2.58
CA LEU A 7 -7.17 -4.21 -1.16
C LEU A 7 -8.11 -3.06 -0.83
N THR A 8 -8.16 -2.71 0.43
CA THR A 8 -9.00 -1.63 0.91
C THR A 8 -8.21 -0.57 1.67
N VAL A 9 -8.90 0.52 1.95
CA VAL A 9 -8.38 1.65 2.67
C VAL A 9 -8.43 1.35 4.15
N GLY A 10 -7.33 1.65 4.79
CA GLY A 10 -7.13 1.25 6.15
C GLY A 10 -6.84 -0.24 6.23
N GLN A 11 -6.44 -0.82 5.10
CA GLN A 11 -6.13 -2.24 5.08
C GLN A 11 -4.81 -2.46 5.76
N ALA A 12 -3.84 -1.65 5.35
CA ALA A 12 -2.51 -1.68 5.89
C ALA A 12 -1.75 -2.91 5.41
N LEU A 13 -0.58 -2.65 4.89
CA LEU A 13 0.26 -3.66 4.26
C LEU A 13 1.71 -3.27 4.40
N LYS A 14 2.51 -3.67 3.43
CA LYS A 14 3.92 -3.36 3.42
C LYS A 14 4.31 -2.72 2.11
N VAL A 15 5.31 -1.88 2.18
CA VAL A 15 5.89 -1.27 1.02
C VAL A 15 7.39 -1.52 1.03
N LYS A 16 7.97 -1.63 -0.14
CA LYS A 16 9.39 -1.82 -0.29
C LYS A 16 10.07 -0.46 -0.36
N ALA A 17 10.41 0.04 0.79
CA ALA A 17 10.94 1.38 0.92
C ALA A 17 12.41 1.32 1.32
N GLY A 18 13.27 1.48 0.34
CA GLY A 18 14.69 1.33 0.57
C GLY A 18 15.08 -0.13 0.53
N GLN A 19 14.63 -0.82 -0.53
CA GLN A 19 14.94 -2.22 -0.77
C GLN A 19 14.18 -3.16 0.17
N ASN A 20 13.69 -2.63 1.27
CA ASN A 20 13.06 -3.45 2.28
C ASN A 20 11.58 -3.13 2.44
N ALA A 21 10.77 -4.17 2.60
CA ALA A 21 9.37 -4.00 2.90
C ALA A 21 9.25 -3.47 4.31
N MET A 22 8.59 -2.36 4.42
CA MET A 22 8.61 -1.57 5.62
C MET A 22 7.35 -1.79 6.40
N ASP A 23 6.31 -1.17 5.88
CA ASP A 23 4.96 -1.22 6.40
C ASP A 23 4.26 0.03 5.93
N ALA A 24 2.98 -0.04 5.68
CA ALA A 24 2.26 1.14 5.27
C ALA A 24 0.76 0.95 5.39
N THR A 25 0.02 2.04 5.62
CA THR A 25 -1.40 1.93 5.87
C THR A 25 -2.23 2.67 4.84
N VAL A 26 -3.18 1.98 4.26
CA VAL A 26 -3.90 2.50 3.12
C VAL A 26 -4.72 3.74 3.44
N LEU A 27 -4.45 4.82 2.71
CA LEU A 27 -5.21 6.06 2.84
C LEU A 27 -6.13 6.23 1.64
N GLU A 28 -5.63 5.80 0.50
CA GLU A 28 -6.32 5.90 -0.74
C GLU A 28 -5.79 4.78 -1.59
N ILE A 29 -6.55 4.32 -2.52
CA ILE A 29 -6.15 3.20 -3.33
C ILE A 29 -6.08 3.56 -4.81
N THR A 30 -5.35 2.75 -5.57
CA THR A 30 -5.17 3.02 -6.99
C THR A 30 -5.85 1.95 -7.83
N LYS A 31 -5.47 1.88 -9.11
CA LYS A 31 -6.00 0.89 -10.03
C LYS A 31 -5.97 -0.51 -9.45
N ASP A 32 -4.93 -0.80 -8.67
CA ASP A 32 -4.72 -2.13 -8.12
C ASP A 32 -3.65 -2.09 -7.05
N GLY A 33 -2.94 -0.97 -7.03
CA GLY A 33 -2.00 -0.67 -5.97
C GLY A 33 -2.71 0.20 -5.00
N VAL A 34 -1.97 1.01 -4.30
CA VAL A 34 -2.57 1.85 -3.34
C VAL A 34 -1.84 3.17 -3.22
N ARG A 35 -2.30 3.98 -2.30
CA ARG A 35 -1.54 5.06 -1.73
C ARG A 35 -1.67 4.95 -0.24
N VAL A 36 -0.74 4.25 0.32
CA VAL A 36 -0.76 3.96 1.72
C VAL A 36 0.00 5.00 2.48
N GLN A 37 0.05 4.83 3.77
CA GLN A 37 0.84 5.67 4.60
C GLN A 37 2.08 4.90 5.03
N LEU A 38 3.20 5.27 4.48
CA LEU A 38 4.42 4.53 4.69
C LEU A 38 4.91 4.70 6.10
N ASN A 39 5.28 3.59 6.67
CA ASN A 39 5.83 3.54 8.01
C ASN A 39 7.23 4.12 7.99
N SER A 40 7.80 4.15 6.79
CA SER A 40 9.00 4.92 6.52
C SER A 40 8.71 6.39 6.73
N GLY A 41 7.44 6.73 6.61
CA GLY A 41 7.01 8.08 6.85
C GLY A 41 6.52 8.78 5.60
N MET A 42 6.12 8.02 4.59
CA MET A 42 5.63 8.60 3.36
C MET A 42 4.16 8.20 3.18
N SER A 43 3.65 8.36 1.98
CA SER A 43 2.32 7.94 1.61
C SER A 43 2.28 7.84 0.10
N LEU A 44 1.84 6.70 -0.42
CA LEU A 44 2.07 6.38 -1.83
C LEU A 44 1.84 4.90 -2.20
N ILE A 45 2.25 4.01 -1.31
CA ILE A 45 2.57 2.62 -1.64
C ILE A 45 3.21 2.47 -3.03
N VAL A 46 2.40 2.29 -4.08
CA VAL A 46 2.90 1.91 -5.41
C VAL A 46 1.77 1.26 -6.20
N ARG A 47 2.14 0.43 -7.15
CA ARG A 47 1.18 -0.26 -7.99
C ARG A 47 1.07 -1.70 -7.54
N ALA A 48 -0.01 -2.37 -7.90
CA ALA A 48 -0.29 -3.70 -7.36
C ALA A 48 0.89 -4.65 -7.46
N GLU A 49 1.69 -4.46 -8.50
CA GLU A 49 2.71 -5.43 -8.84
C GLU A 49 4.00 -5.03 -8.18
N HIS A 50 3.85 -4.37 -7.05
CA HIS A 50 4.96 -3.96 -6.26
C HIS A 50 4.59 -3.99 -4.77
N LEU A 51 3.28 -4.00 -4.47
CA LEU A 51 2.83 -4.14 -3.10
C LEU A 51 3.26 -5.49 -2.56
N VAL A 52 3.45 -5.55 -1.27
CA VAL A 52 3.71 -6.83 -0.62
C VAL A 52 2.77 -7.04 0.55
N PHE A 53 1.51 -6.83 0.24
CA PHE A 53 0.42 -7.09 1.16
C PHE A 53 0.15 -8.59 1.30
#